data_8J24
#
_entry.id   8J24
#
_cell.length_a   1.00
_cell.length_b   1.00
_cell.length_c   1.00
_cell.angle_alpha   90.00
_cell.angle_beta   90.00
_cell.angle_gamma   90.00
#
_symmetry.space_group_name_H-M   'P 1'
#
loop_
_entity.id
_entity.type
_entity.pdbx_description
1 polymer 'Guanine nucleotide-binding protein G(I)/G(S)/G(T) subunit beta-1'
2 polymer 'Guanine nucleotide-binding protein G(i) subunit alpha-1'
3 polymer 'Free fatty acid receptor 2'
4 polymer 'Guanine nucleotide-binding protein G(I)/G(S)/G(O) subunit gamma-2'
5 polymer scGV16
6 non-polymer 'ACETATE ION'
#
loop_
_entity_poly.entity_id
_entity_poly.type
_entity_poly.pdbx_seq_one_letter_code
_entity_poly.pdbx_strand_id
1 'polypeptide(L)'
;MHHHHHHGSLLQSELDQLRQEAEQLKNQIRDARKACADATLSQITNNIDPVGRIQMRTRRTLRGHLAKIYAMHWGTDSRL
LVSASQDGKLIIWDSYTTNKVHAIPLRSSWVMTCAYAPSGNYVACGGLDNICSIYNLKTREGNVRVSRELAGHTGYLSCC
RFLDDNQIVTSSGDTTCALWDIETGQQTTTFTGHTGDVMSLSLAPDTRLFVSGACDASAKLWDVREGMCRQTFTGHESDI
NAICFFPNGNAFATGSDDATCRLFDLRADQELMTYSHDNIICGITSVSFSKSGRLLLAGYDDFNCNVWDALKADRAGVLA
GHDNRVSCLGVTDDGMAVATGSWDSFLKIWNGSSGGGGSGGGGSSGVSGWRLFKKIS
;
B
2 'polypeptide(L)'
;MGCTLSAEDKAAVERSKMIDRNLREDGEKAAREVKLLLLGAGESGKSTIVKQMKIIHEAGYSEEECKQYKAVVYSNTIQS
IIAIIRAMGRLKIDFGDSARADDARQLFVLAGAAEEGFMTAELAGVIKRLWKDSGVQACFNRSREYQLNDSAAYYLNDLD
RIAQPNYIPTQQDVLRTRVKTTGIVETHFTFKDLHFKMFDVGGQRSERKKWIHCFEGVTAIIFCVALSDYDLVLAEDEEM
NRMHESMKLFDSICNNKWFTDTSIILFLNKKDLFEEKIKKSPLTICYPEYAGSNTYEEAAAYIQCQFEDLNKRKDTKEIY
THFTCATDTKNVQFVFDAVTDVIIKNNLKDCGLF
;
C
3 'polypeptide(L)'
;MTPDWKSSLILMAYIIIFLTGLPANLLALRAFVGRVRQPQPAPVHILLLSLTLADLLLLLLLPFKIIEAASNFRWYLPKI
VCALTGFGFYSSIYCSTWLLAGISIERYLGVAFPVQYKLSRRPLYGVIAALVAWVMSFGHCTIVIIVQYLNTTEQVRNGN
EITCYENFTDEQLDVVLPVRLELCLVLFFIPMAVTIFCYWRFVWIMLTQPHVGAQRRRRAVGLAVVTLLNFLVCFGPYNV
SHLVGFYQRKSPWWRSIAVVFSSLNASLDPLLFYFSSSVVRRAFGRGLQLLRNQGSSLLGRRGKDTAEGTN
;
D
4 'polypeptide(L)' MASNNTASIAQARKLVEQLKMEANIDRIKVSKAAADLMAYCEAHAKEDPLLTPVPASENPFREKKFFCAIL F
5 'polypeptide(L)'
;MLLVNQSHQGFNKEHTSKMVSAIVLYVLLAAAAHSAFADVQLVESGGGLVQPGGSRKLSCSASGFAFSSFGMHWVRQAPE
KGLEWVAYISSGSGTIYYADTVKGRFTISRDDPKNTLFLQMTSLRSEDTAMYYCVRSIYYYGSSPFDFWGQGTTLTVSSG
GGGSGGGGSGGGGSDIVMTQATSSVPVTPGESVSISCRSSKSLLHSNGNTYLYWFLQRPGQSPQLLIYRMSNLASGVPDR
FSGSGSGTAFTLTISRLEAEDVGVYYCMQHLEYPLTFGAGTKLELKAAAHHHHHHHH
;
G
#
# COMPACT_ATOMS: atom_id res chain seq x y z
N GLU A 14 50.08 27.43 8.64
CA GLU A 14 49.90 26.08 8.10
C GLU A 14 48.49 25.57 8.35
N LEU A 15 48.37 24.47 9.08
CA LEU A 15 47.09 23.86 9.38
C LEU A 15 46.52 24.31 10.72
N ASP A 16 47.37 24.75 11.66
CA ASP A 16 46.93 25.11 12.99
C ASP A 16 46.14 26.42 13.02
N GLN A 17 46.61 27.43 12.30
CA GLN A 17 45.96 28.73 12.34
C GLN A 17 44.66 28.77 11.55
N LEU A 18 44.45 27.81 10.64
CA LEU A 18 43.19 27.77 9.88
C LEU A 18 42.01 27.49 10.80
N ARG A 19 42.17 26.58 11.76
CA ARG A 19 41.10 26.30 12.70
C ARG A 19 40.84 27.50 13.61
N GLN A 20 41.90 28.19 14.02
CA GLN A 20 41.73 29.34 14.91
C GLN A 20 40.93 30.45 14.24
N GLU A 21 41.20 30.73 12.97
CA GLU A 21 40.42 31.74 12.26
C GLU A 21 39.01 31.25 11.96
N ALA A 22 38.80 29.94 11.88
CA ALA A 22 37.46 29.41 11.68
C ALA A 22 36.58 29.69 12.89
N GLU A 23 37.11 29.51 14.10
CA GLU A 23 36.34 29.81 15.30
C GLU A 23 36.07 31.30 15.43
N GLN A 24 37.05 32.13 15.04
CA GLN A 24 36.83 33.57 15.07
C GLN A 24 35.72 33.99 14.12
N LEU A 25 35.68 33.39 12.93
CA LEU A 25 34.60 33.68 11.98
C LEU A 25 33.26 33.22 12.53
N LYS A 26 33.22 32.06 13.17
CA LYS A 26 31.98 31.58 13.77
C LYS A 26 31.50 32.51 14.87
N ASN A 27 32.42 33.01 15.70
CA ASN A 27 32.05 33.93 16.76
C ASN A 27 31.47 35.22 16.19
N GLN A 28 32.06 35.73 15.11
CA GLN A 28 31.57 36.94 14.48
C GLN A 28 30.15 36.74 13.93
N ILE A 29 29.90 35.58 13.31
CA ILE A 29 28.57 35.29 12.77
C ILE A 29 27.54 35.24 13.90
N ARG A 30 27.89 34.58 15.01
CA ARG A 30 26.97 34.51 16.13
C ARG A 30 26.72 35.89 16.74
N ASP A 31 27.76 36.71 16.83
CA ASP A 31 27.59 38.06 17.33
C ASP A 31 26.70 38.89 16.41
N ALA A 32 26.86 38.72 15.09
CA ALA A 32 26.00 39.42 14.15
C ALA A 32 24.55 38.96 14.28
N ARG A 33 24.34 37.66 14.50
CA ARG A 33 22.98 37.16 14.70
C ARG A 33 22.37 37.74 15.96
N LYS A 34 23.14 37.82 17.05
CA LYS A 34 22.64 38.39 18.29
C LYS A 34 22.39 39.90 18.16
N ALA A 35 23.23 40.59 17.38
CA ALA A 35 23.07 42.02 17.21
C ALA A 35 21.74 42.36 16.54
N CYS A 36 21.35 41.56 15.54
CA CYS A 36 20.12 41.79 14.80
C CYS A 36 18.91 41.11 15.45
N ALA A 37 19.00 40.78 16.73
CA ALA A 37 17.92 40.13 17.47
C ALA A 37 17.46 41.08 18.57
N ASP A 38 16.35 41.77 18.34
CA ASP A 38 15.79 42.70 19.32
C ASP A 38 14.60 42.10 20.07
N ALA A 39 13.60 41.61 19.35
CA ALA A 39 12.42 41.00 19.95
C ALA A 39 12.10 39.71 19.23
N THR A 40 11.70 38.70 20.00
CA THR A 40 11.35 37.40 19.43
C THR A 40 9.94 37.44 18.82
N LEU A 41 9.64 36.40 18.04
CA LEU A 41 8.33 36.31 17.40
C LEU A 41 7.21 36.16 18.42
N SER A 42 7.48 35.53 19.56
CA SER A 42 6.44 35.32 20.55
C SER A 42 5.93 36.64 21.12
N GLN A 43 6.83 37.57 21.41
CA GLN A 43 6.41 38.86 21.98
C GLN A 43 5.57 39.66 21.00
N ILE A 44 5.96 39.66 19.72
CA ILE A 44 5.21 40.43 18.72
C ILE A 44 3.82 39.83 18.51
N THR A 45 3.74 38.51 18.43
CA THR A 45 2.50 37.83 18.08
C THR A 45 1.56 37.68 19.27
N ASN A 46 2.05 37.88 20.50
CA ASN A 46 1.24 37.61 21.69
C ASN A 46 -0.01 38.46 21.78
N ASN A 47 -0.10 39.55 21.02
CA ASN A 47 -1.27 40.43 21.08
C ASN A 47 -2.40 39.97 20.18
N ILE A 48 -2.10 39.24 19.11
CA ILE A 48 -3.15 38.84 18.17
C ILE A 48 -3.99 37.71 18.76
N ASP A 49 -5.16 37.51 18.16
CA ASP A 49 -6.10 36.52 18.66
C ASP A 49 -5.58 35.09 18.43
N PRO A 50 -5.85 34.18 19.36
CA PRO A 50 -5.46 32.78 19.15
C PRO A 50 -6.21 32.14 18.01
N VAL A 51 -5.58 31.13 17.40
CA VAL A 51 -6.20 30.44 16.28
C VAL A 51 -7.31 29.50 16.72
N GLY A 52 -7.35 29.13 18.00
CA GLY A 52 -8.38 28.25 18.51
C GLY A 52 -8.13 26.79 18.20
N ARG A 53 -9.11 25.97 18.58
CA ARG A 53 -9.01 24.53 18.34
C ARG A 53 -9.41 24.21 16.90
N ILE A 54 -8.64 23.32 16.27
CA ILE A 54 -8.87 22.95 14.88
C ILE A 54 -9.38 21.52 14.83
N GLN A 55 -10.49 21.32 14.13
CA GLN A 55 -11.11 20.01 13.98
C GLN A 55 -11.01 19.58 12.52
N MET A 56 -10.45 18.41 12.28
CA MET A 56 -10.33 17.86 10.94
C MET A 56 -10.83 16.42 10.94
N ARG A 57 -11.45 16.01 9.85
CA ARG A 57 -12.05 14.69 9.72
C ARG A 57 -11.49 13.98 8.50
N THR A 58 -11.40 12.66 8.59
CA THR A 58 -10.92 11.84 7.48
C THR A 58 -12.03 11.76 6.43
N ARG A 59 -11.77 12.31 5.24
CA ARG A 59 -12.74 12.27 4.15
C ARG A 59 -12.50 11.11 3.21
N ARG A 60 -11.24 10.82 2.90
CA ARG A 60 -10.89 9.73 2.01
C ARG A 60 -9.84 8.84 2.66
N THR A 61 -10.02 7.53 2.54
CA THR A 61 -9.06 6.54 3.02
C THR A 61 -8.63 5.70 1.82
N LEU A 62 -7.40 5.92 1.37
CA LEU A 62 -6.89 5.25 0.18
C LEU A 62 -6.18 3.96 0.59
N ARG A 63 -6.74 2.82 0.16
CA ARG A 63 -6.19 1.51 0.48
C ARG A 63 -5.73 0.83 -0.79
N GLY A 64 -4.76 -0.07 -0.65
CA GLY A 64 -4.21 -0.76 -1.79
C GLY A 64 -2.72 -1.05 -1.66
N HIS A 65 -2.05 -0.29 -0.78
CA HIS A 65 -0.64 -0.53 -0.51
C HIS A 65 -0.50 -1.69 0.48
N LEU A 66 0.48 -2.56 0.21
CA LEU A 66 0.69 -3.76 1.01
C LEU A 66 1.95 -3.69 1.86
N ALA A 67 2.57 -2.51 1.97
CA ALA A 67 3.77 -2.35 2.77
C ALA A 67 3.78 -0.94 3.36
N LYS A 68 4.83 -0.64 4.13
CA LYS A 68 4.95 0.66 4.76
C LYS A 68 5.11 1.75 3.70
N ILE A 69 4.39 2.84 3.88
CA ILE A 69 4.39 3.95 2.93
C ILE A 69 5.42 4.98 3.36
N TYR A 70 6.28 5.38 2.41
CA TYR A 70 7.35 6.34 2.70
C TYR A 70 7.20 7.67 1.98
N ALA A 71 6.42 7.73 0.89
CA ALA A 71 6.32 8.94 0.08
C ALA A 71 4.86 9.27 -0.18
N MET A 72 4.57 10.57 -0.34
CA MET A 72 3.20 11.05 -0.43
C MET A 72 2.98 12.11 -1.50
N HIS A 73 4.04 12.74 -2.03
CA HIS A 73 3.99 14.04 -2.70
C HIS A 73 2.72 14.26 -3.52
N TRP A 74 2.08 15.40 -3.29
CA TRP A 74 0.85 15.78 -3.99
C TRP A 74 1.15 16.18 -5.43
N GLY A 75 0.08 16.33 -6.21
CA GLY A 75 0.17 16.87 -7.55
C GLY A 75 -0.17 18.35 -7.58
N THR A 76 0.19 18.99 -8.70
CA THR A 76 -0.03 20.43 -8.84
C THR A 76 -1.50 20.78 -8.99
N ASP A 77 -2.33 19.83 -9.44
CA ASP A 77 -3.76 20.07 -9.60
C ASP A 77 -4.55 19.87 -8.32
N SER A 78 -3.89 19.48 -7.23
CA SER A 78 -4.51 19.26 -5.93
C SER A 78 -5.54 18.13 -5.97
N ARG A 79 -5.48 17.28 -6.98
CA ARG A 79 -6.39 16.15 -7.10
C ARG A 79 -5.67 14.83 -7.25
N LEU A 80 -4.57 14.78 -7.99
CA LEU A 80 -3.83 13.55 -8.24
C LEU A 80 -2.74 13.38 -7.19
N LEU A 81 -2.66 12.17 -6.63
CA LEU A 81 -1.70 11.83 -5.60
C LEU A 81 -0.81 10.70 -6.08
N VAL A 82 0.46 10.73 -5.68
CA VAL A 82 1.39 9.64 -5.94
C VAL A 82 2.01 9.22 -4.62
N SER A 83 2.06 7.92 -4.37
CA SER A 83 2.57 7.37 -3.12
C SER A 83 3.52 6.21 -3.43
N ALA A 84 4.50 6.03 -2.54
CA ALA A 84 5.49 4.97 -2.66
C ALA A 84 5.48 4.13 -1.40
N SER A 85 5.70 2.82 -1.56
CA SER A 85 5.76 1.90 -0.43
C SER A 85 6.82 0.85 -0.72
N GLN A 86 7.00 -0.07 0.23
CA GLN A 86 8.06 -1.06 0.14
C GLN A 86 7.67 -2.29 -0.67
N ASP A 87 6.47 -2.33 -1.24
CA ASP A 87 6.08 -3.43 -2.11
C ASP A 87 6.58 -3.26 -3.53
N GLY A 88 7.30 -2.17 -3.83
CA GLY A 88 7.79 -1.94 -5.17
C GLY A 88 6.74 -1.45 -6.15
N LYS A 89 5.75 -0.71 -5.67
CA LYS A 89 4.66 -0.22 -6.51
C LYS A 89 4.46 1.27 -6.29
N LEU A 90 4.38 2.02 -7.37
CA LEU A 90 3.99 3.42 -7.33
C LEU A 90 2.53 3.53 -7.80
N ILE A 91 1.67 4.03 -6.92
CA ILE A 91 0.24 4.13 -7.20
C ILE A 91 -0.13 5.60 -7.30
N ILE A 92 -0.74 5.98 -8.42
CA ILE A 92 -1.23 7.33 -8.63
C ILE A 92 -2.71 7.35 -8.28
N TRP A 93 -3.06 8.15 -7.27
CA TRP A 93 -4.40 8.15 -6.70
C TRP A 93 -5.21 9.33 -7.21
N ASP A 94 -6.50 9.10 -7.44
CA ASP A 94 -7.47 10.17 -7.68
C ASP A 94 -8.17 10.44 -6.36
N SER A 95 -7.71 11.48 -5.65
CA SER A 95 -8.20 11.73 -4.30
C SER A 95 -9.69 12.02 -4.27
N TYR A 96 -10.22 12.62 -5.34
CA TYR A 96 -11.65 12.93 -5.38
C TYR A 96 -12.49 11.66 -5.41
N THR A 97 -12.06 10.66 -6.17
CA THR A 97 -12.84 9.44 -6.38
C THR A 97 -12.20 8.19 -5.81
N THR A 98 -11.01 8.31 -5.21
CA THR A 98 -10.33 7.21 -4.53
C THR A 98 -9.77 6.22 -5.56
N ASN A 99 -10.15 6.40 -6.82
CA ASN A 99 -9.71 5.50 -7.88
C ASN A 99 -8.20 5.58 -8.09
N LYS A 100 -7.61 4.44 -8.41
CA LYS A 100 -6.18 4.35 -8.69
C LYS A 100 -5.95 4.61 -10.18
N VAL A 101 -5.37 5.76 -10.49
CA VAL A 101 -5.12 6.12 -11.89
C VAL A 101 -4.06 5.22 -12.49
N HIS A 102 -2.95 5.02 -11.79
CA HIS A 102 -1.84 4.24 -12.31
C HIS A 102 -1.26 3.37 -11.20
N ALA A 103 -0.62 2.27 -11.62
CA ALA A 103 0.11 1.39 -10.72
C ALA A 103 1.44 1.05 -11.41
N ILE A 104 2.53 1.63 -10.91
CA ILE A 104 3.83 1.53 -11.57
C ILE A 104 4.69 0.54 -10.78
N PRO A 105 4.98 -0.64 -11.34
CA PRO A 105 5.95 -1.53 -10.68
C PRO A 105 7.35 -0.94 -10.72
N LEU A 106 8.15 -1.29 -9.72
CA LEU A 106 9.50 -0.76 -9.57
C LEU A 106 10.51 -1.89 -9.58
N ARG A 107 11.68 -1.62 -10.19
CA ARG A 107 12.75 -2.61 -10.21
C ARG A 107 13.24 -2.92 -8.80
N SER A 108 13.37 -1.90 -7.97
CA SER A 108 13.77 -2.05 -6.57
C SER A 108 12.61 -1.64 -5.67
N SER A 109 12.32 -2.47 -4.67
CA SER A 109 11.20 -2.25 -3.76
C SER A 109 11.59 -1.44 -2.53
N TRP A 110 12.79 -0.85 -2.52
CA TRP A 110 13.29 -0.09 -1.38
C TRP A 110 13.21 1.41 -1.62
N VAL A 111 12.16 1.86 -2.30
CA VAL A 111 11.98 3.28 -2.57
C VAL A 111 11.62 4.00 -1.28
N MET A 112 12.23 5.17 -1.06
CA MET A 112 11.96 5.97 0.12
C MET A 112 11.23 7.27 -0.19
N THR A 113 11.44 7.85 -1.38
CA THR A 113 10.79 9.11 -1.75
C THR A 113 10.27 9.02 -3.17
N CYS A 114 9.24 9.81 -3.45
CA CYS A 114 8.67 9.95 -4.77
C CYS A 114 8.35 11.41 -5.02
N ALA A 115 8.36 11.79 -6.29
CA ALA A 115 8.11 13.17 -6.69
C ALA A 115 7.11 13.24 -7.82
N TYR A 116 6.32 14.30 -7.83
CA TYR A 116 5.36 14.58 -8.88
C TYR A 116 5.78 15.83 -9.63
N ALA A 117 5.91 15.72 -10.95
CA ALA A 117 6.32 16.86 -11.74
C ALA A 117 5.23 17.92 -11.73
N PRO A 118 5.59 19.21 -11.75
CA PRO A 118 4.56 20.26 -11.79
C PRO A 118 3.66 20.16 -13.01
N SER A 119 4.19 19.74 -14.15
CA SER A 119 3.36 19.55 -15.33
C SER A 119 2.48 18.32 -15.23
N GLY A 120 2.78 17.41 -14.32
CA GLY A 120 2.00 16.19 -14.18
C GLY A 120 2.31 15.12 -15.19
N ASN A 121 3.41 15.25 -15.94
CA ASN A 121 3.75 14.29 -16.97
C ASN A 121 4.78 13.26 -16.53
N TYR A 122 5.52 13.52 -15.45
CA TYR A 122 6.58 12.63 -15.00
C TYR A 122 6.47 12.38 -13.51
N VAL A 123 6.91 11.19 -13.09
CA VAL A 123 6.99 10.81 -11.69
C VAL A 123 8.36 10.19 -11.45
N ALA A 124 9.04 10.62 -10.39
CA ALA A 124 10.37 10.14 -10.07
C ALA A 124 10.38 9.52 -8.69
N CYS A 125 11.22 8.50 -8.51
CA CYS A 125 11.33 7.80 -7.24
C CYS A 125 12.73 7.22 -7.12
N GLY A 126 13.12 6.91 -5.88
CA GLY A 126 14.43 6.36 -5.61
C GLY A 126 14.50 5.84 -4.18
N GLY A 127 15.61 5.16 -3.90
CA GLY A 127 15.80 4.56 -2.60
C GLY A 127 17.18 4.00 -2.37
N LEU A 128 17.25 2.79 -1.80
CA LEU A 128 18.54 2.17 -1.50
C LEU A 128 19.32 1.77 -2.75
N ASP A 129 18.69 1.80 -3.92
CA ASP A 129 19.38 1.51 -5.16
C ASP A 129 20.33 2.62 -5.59
N ASN A 130 20.27 3.79 -4.94
CA ASN A 130 21.08 4.96 -5.26
C ASN A 130 20.82 5.46 -6.68
N ILE A 131 19.64 5.18 -7.23
CA ILE A 131 19.29 5.58 -8.58
C ILE A 131 17.93 6.27 -8.54
N CYS A 132 17.85 7.47 -9.12
CA CYS A 132 16.60 8.20 -9.24
C CYS A 132 15.99 7.89 -10.60
N SER A 133 14.91 7.11 -10.61
CA SER A 133 14.27 6.68 -11.85
C SER A 133 13.08 7.57 -12.16
N ILE A 134 13.02 8.08 -13.39
CA ILE A 134 11.94 8.93 -13.84
C ILE A 134 11.04 8.13 -14.77
N TYR A 135 9.75 8.12 -14.47
CA TYR A 135 8.77 7.34 -15.22
C TYR A 135 7.86 8.26 -16.02
N ASN A 136 7.73 7.98 -17.31
CA ASN A 136 6.86 8.77 -18.18
C ASN A 136 5.41 8.32 -18.03
N LEU A 137 4.53 9.27 -17.76
CA LEU A 137 3.11 8.97 -17.59
C LEU A 137 2.29 9.25 -18.85
N LYS A 138 2.82 10.02 -19.78
CA LYS A 138 2.10 10.39 -21.01
C LYS A 138 2.87 9.84 -22.21
N THR A 139 2.46 8.67 -22.68
CA THR A 139 3.06 8.03 -23.85
C THR A 139 1.96 7.56 -24.79
N ARG A 140 2.35 7.27 -26.03
CA ARG A 140 1.40 6.73 -26.99
C ARG A 140 0.84 5.40 -26.52
N GLU A 141 1.70 4.54 -25.98
CA GLU A 141 1.24 3.31 -25.35
C GLU A 141 0.54 3.62 -24.03
N GLY A 142 -0.36 2.72 -23.63
CA GLY A 142 -1.11 2.93 -22.41
C GLY A 142 -0.40 2.59 -21.12
N ASN A 143 0.83 2.08 -21.20
CA ASN A 143 1.59 1.73 -20.01
C ASN A 143 2.50 2.88 -19.60
N VAL A 144 2.95 2.83 -18.35
CA VAL A 144 3.90 3.80 -17.81
C VAL A 144 5.29 3.18 -17.91
N ARG A 145 6.18 3.85 -18.62
CA ARG A 145 7.54 3.37 -18.84
C ARG A 145 8.54 4.28 -18.15
N VAL A 146 9.67 3.69 -17.77
CA VAL A 146 10.77 4.47 -17.20
C VAL A 146 11.49 5.21 -18.32
N SER A 147 11.85 6.47 -18.06
CA SER A 147 12.49 7.32 -19.06
C SER A 147 13.98 7.49 -18.81
N ARG A 148 14.38 7.80 -17.57
CA ARG A 148 15.78 8.01 -17.24
C ARG A 148 16.09 7.34 -15.91
N GLU A 149 17.34 6.90 -15.76
CA GLU A 149 17.85 6.32 -14.53
C GLU A 149 19.08 7.12 -14.12
N LEU A 150 18.92 8.00 -13.13
CA LEU A 150 20.01 8.88 -12.70
C LEU A 150 20.95 8.11 -11.80
N ALA A 151 22.17 7.88 -12.28
CA ALA A 151 23.19 7.15 -11.53
C ALA A 151 24.40 8.06 -11.31
N GLY A 152 25.06 7.86 -10.18
CA GLY A 152 26.21 8.67 -9.82
C GLY A 152 26.31 8.94 -8.33
N HIS A 153 25.22 8.71 -7.61
CA HIS A 153 25.21 8.85 -6.17
C HIS A 153 25.70 7.57 -5.51
N THR A 154 26.52 7.72 -4.46
CA THR A 154 27.05 6.60 -3.72
C THR A 154 26.27 6.31 -2.45
N GLY A 155 25.13 6.97 -2.25
CA GLY A 155 24.31 6.74 -1.07
C GLY A 155 22.85 6.60 -1.45
N TYR A 156 22.05 6.20 -0.47
CA TYR A 156 20.64 5.97 -0.69
C TYR A 156 19.92 7.28 -1.01
N LEU A 157 18.93 7.21 -1.88
CA LEU A 157 18.12 8.38 -2.20
C LEU A 157 17.26 8.75 -1.00
N SER A 158 17.28 10.04 -0.64
CA SER A 158 16.54 10.52 0.52
C SER A 158 15.53 11.61 0.19
N CYS A 159 15.56 12.20 -1.01
CA CYS A 159 14.61 13.22 -1.42
C CYS A 159 14.81 13.50 -2.90
N CYS A 160 13.72 13.88 -3.56
CA CYS A 160 13.77 14.29 -4.96
C CYS A 160 12.64 15.29 -5.20
N ARG A 161 12.97 16.41 -5.83
CA ARG A 161 12.01 17.46 -6.13
C ARG A 161 12.17 17.90 -7.57
N PHE A 162 11.05 18.29 -8.18
CA PHE A 162 11.01 18.66 -9.59
C PHE A 162 10.97 20.18 -9.72
N LEU A 163 11.92 20.75 -10.46
CA LEU A 163 11.84 22.16 -10.81
C LEU A 163 11.05 22.36 -12.09
N ASP A 164 11.36 21.58 -13.12
CA ASP A 164 10.62 21.58 -14.36
C ASP A 164 10.71 20.17 -14.95
N ASP A 165 10.37 20.03 -16.23
CA ASP A 165 10.39 18.73 -16.87
C ASP A 165 11.80 18.22 -17.18
N ASN A 166 12.82 19.06 -17.01
CA ASN A 166 14.18 18.68 -17.36
C ASN A 166 15.18 18.76 -16.22
N GLN A 167 14.85 19.40 -15.11
CA GLN A 167 15.77 19.57 -14.00
C GLN A 167 15.15 19.00 -12.73
N ILE A 168 15.91 18.18 -12.01
CA ILE A 168 15.47 17.58 -10.76
C ILE A 168 16.60 17.67 -9.75
N VAL A 169 16.29 18.09 -8.53
CA VAL A 169 17.25 18.13 -7.43
C VAL A 169 17.09 16.86 -6.61
N THR A 170 18.20 16.17 -6.38
CA THR A 170 18.20 14.88 -5.70
C THR A 170 19.04 14.97 -4.43
N SER A 171 18.47 14.55 -3.31
CA SER A 171 19.18 14.43 -2.05
C SER A 171 19.47 12.96 -1.78
N SER A 172 20.71 12.65 -1.42
CA SER A 172 21.16 11.29 -1.24
C SER A 172 21.81 11.12 0.11
N GLY A 173 22.04 9.85 0.49
CA GLY A 173 22.67 9.51 1.74
C GLY A 173 24.18 9.63 1.75
N ASP A 174 24.78 10.04 0.63
CA ASP A 174 26.22 10.24 0.56
C ASP A 174 26.63 11.68 0.86
N THR A 175 25.84 12.39 1.67
CA THR A 175 26.18 13.67 2.26
C THR A 175 26.15 14.82 1.23
N THR A 176 26.01 14.48 -0.05
CA THR A 176 26.02 15.47 -1.11
C THR A 176 24.68 15.52 -1.81
N CYS A 177 24.32 16.71 -2.29
CA CYS A 177 23.14 16.93 -3.11
C CYS A 177 23.57 17.27 -4.53
N ALA A 178 22.72 16.92 -5.50
CA ALA A 178 23.05 17.12 -6.90
C ALA A 178 21.83 17.63 -7.66
N LEU A 179 22.10 18.40 -8.72
CA LEU A 179 21.10 18.85 -9.66
C LEU A 179 21.31 18.09 -10.96
N TRP A 180 20.27 17.39 -11.41
CA TRP A 180 20.38 16.48 -12.54
C TRP A 180 19.72 17.06 -13.79
N ASP A 181 20.08 16.49 -14.93
CA ASP A 181 19.45 16.78 -16.21
C ASP A 181 18.76 15.52 -16.69
N ILE A 182 17.60 15.69 -17.33
CA ILE A 182 16.78 14.55 -17.73
C ILE A 182 17.24 13.99 -19.06
N GLU A 183 17.23 14.80 -20.12
CA GLU A 183 17.58 14.29 -21.44
C GLU A 183 19.03 13.86 -21.52
N THR A 184 19.90 14.36 -20.65
CA THR A 184 21.28 13.90 -20.53
C THR A 184 21.51 13.50 -19.08
N GLY A 185 21.77 12.22 -18.85
CA GLY A 185 21.92 11.70 -17.50
C GLY A 185 23.20 12.11 -16.83
N GLN A 186 23.43 13.42 -16.70
CA GLN A 186 24.63 13.97 -16.09
C GLN A 186 24.25 14.93 -14.98
N GLN A 187 25.14 15.07 -14.01
CA GLN A 187 24.94 15.99 -12.90
C GLN A 187 25.33 17.40 -13.35
N THR A 188 24.35 18.29 -13.44
CA THR A 188 24.62 19.66 -13.88
C THR A 188 25.46 20.40 -12.85
N THR A 189 25.03 20.37 -11.58
CA THR A 189 25.81 20.92 -10.48
C THR A 189 25.81 19.94 -9.32
N THR A 190 26.82 20.03 -8.48
CA THR A 190 26.94 19.21 -7.27
C THR A 190 27.02 20.13 -6.06
N PHE A 191 26.24 19.82 -5.03
CA PHE A 191 26.18 20.60 -3.80
C PHE A 191 26.93 19.85 -2.72
N THR A 192 27.96 20.47 -2.16
CA THR A 192 28.78 19.88 -1.11
C THR A 192 28.96 20.86 0.03
N GLY A 193 29.21 20.32 1.21
CA GLY A 193 29.39 21.15 2.39
C GLY A 193 28.83 20.53 3.65
N HIS A 194 27.91 19.58 3.49
CA HIS A 194 27.34 18.88 4.64
C HIS A 194 28.37 17.92 5.24
N THR A 195 28.15 17.55 6.49
CA THR A 195 28.95 16.56 7.17
C THR A 195 28.19 15.28 7.47
N GLY A 196 26.88 15.27 7.28
CA GLY A 196 26.08 14.07 7.47
C GLY A 196 25.16 13.86 6.28
N ASP A 197 24.43 12.74 6.33
CA ASP A 197 23.52 12.40 5.25
C ASP A 197 22.32 13.34 5.26
N VAL A 198 22.03 13.93 4.10
CA VAL A 198 20.90 14.84 3.97
C VAL A 198 19.63 14.03 3.73
N MET A 199 18.63 14.21 4.59
CA MET A 199 17.45 13.37 4.56
C MET A 199 16.25 14.00 3.86
N SER A 200 16.28 15.30 3.61
CA SER A 200 15.13 15.97 3.01
C SER A 200 15.58 17.26 2.35
N LEU A 201 14.75 17.74 1.41
CA LEU A 201 14.99 19.01 0.74
C LEU A 201 13.65 19.62 0.37
N SER A 202 13.60 20.95 0.40
CA SER A 202 12.39 21.69 0.05
C SER A 202 12.74 22.80 -0.93
N LEU A 203 11.95 22.91 -1.99
CA LEU A 203 12.17 23.91 -3.03
C LEU A 203 11.41 25.19 -2.71
N ALA A 204 12.00 26.32 -3.12
CA ALA A 204 11.35 27.60 -2.99
C ALA A 204 10.28 27.79 -4.06
N PRO A 205 9.30 28.65 -3.82
CA PRO A 205 8.28 28.91 -4.86
C PRO A 205 8.88 29.43 -6.16
N ASP A 206 9.97 30.20 -6.10
CA ASP A 206 10.60 30.75 -7.28
C ASP A 206 11.54 29.78 -7.98
N THR A 207 11.77 28.60 -7.40
CA THR A 207 12.68 27.59 -7.95
C THR A 207 14.09 28.15 -8.12
N ARG A 208 14.48 29.09 -7.27
CA ARG A 208 15.82 29.66 -7.28
C ARG A 208 16.69 29.16 -6.15
N LEU A 209 16.11 28.76 -5.02
CA LEU A 209 16.84 28.31 -3.85
C LEU A 209 16.15 27.10 -3.27
N PHE A 210 16.90 26.32 -2.50
CA PHE A 210 16.30 25.21 -1.76
C PHE A 210 17.11 24.96 -0.50
N VAL A 211 16.47 24.35 0.49
CA VAL A 211 17.06 24.08 1.80
C VAL A 211 17.12 22.57 2.00
N SER A 212 18.25 22.10 2.53
CA SER A 212 18.46 20.68 2.79
C SER A 212 18.82 20.49 4.25
N GLY A 213 18.15 19.55 4.91
CA GLY A 213 18.44 19.19 6.29
C GLY A 213 19.14 17.84 6.35
N ALA A 214 20.23 17.80 7.10
CA ALA A 214 21.06 16.60 7.18
C ALA A 214 21.11 16.08 8.61
N CYS A 215 21.93 15.05 8.84
CA CYS A 215 22.01 14.39 10.12
C CYS A 215 22.92 15.10 11.11
N ASP A 216 23.64 16.14 10.69
CA ASP A 216 24.49 16.92 11.59
C ASP A 216 23.72 18.03 12.30
N ALA A 217 22.39 17.92 12.38
CA ALA A 217 21.55 18.91 13.05
C ALA A 217 21.75 20.31 12.45
N SER A 218 21.92 20.37 11.13
CA SER A 218 22.12 21.63 10.45
C SER A 218 21.33 21.65 9.15
N ALA A 219 20.93 22.85 8.74
CA ALA A 219 20.22 23.06 7.48
C ALA A 219 20.99 24.09 6.66
N LYS A 220 21.12 23.82 5.37
CA LYS A 220 21.88 24.68 4.47
C LYS A 220 20.98 25.18 3.34
N LEU A 221 21.12 26.47 3.03
CA LEU A 221 20.39 27.10 1.93
C LEU A 221 21.30 27.12 0.71
N TRP A 222 20.83 26.51 -0.38
CA TRP A 222 21.61 26.37 -1.60
C TRP A 222 21.00 27.19 -2.72
N ASP A 223 21.87 27.73 -3.58
CA ASP A 223 21.44 28.43 -4.79
C ASP A 223 21.64 27.47 -5.95
N VAL A 224 20.57 27.25 -6.72
CA VAL A 224 20.60 26.21 -7.75
C VAL A 224 21.59 26.55 -8.86
N ARG A 225 21.60 27.80 -9.32
CA ARG A 225 22.35 28.14 -10.52
C ARG A 225 23.86 28.10 -10.28
N GLU A 226 24.33 28.71 -9.19
CA GLU A 226 25.76 28.70 -8.89
C GLU A 226 26.21 27.46 -8.13
N GLY A 227 25.28 26.70 -7.56
CA GLY A 227 25.60 25.45 -6.92
C GLY A 227 26.52 25.56 -5.72
N MET A 228 26.25 26.50 -4.82
CA MET A 228 27.02 26.64 -3.60
C MET A 228 26.11 27.14 -2.49
N CYS A 229 26.54 26.91 -1.25
CA CYS A 229 25.69 27.15 -0.09
C CYS A 229 25.58 28.65 0.21
N ARG A 230 24.34 29.12 0.37
CA ARG A 230 24.10 30.50 0.78
C ARG A 230 24.34 30.69 2.27
N GLN A 231 23.57 29.99 3.10
CA GLN A 231 23.63 30.14 4.54
C GLN A 231 23.50 28.77 5.20
N THR A 232 23.95 28.70 6.45
CA THR A 232 23.86 27.49 7.26
C THR A 232 23.09 27.79 8.53
N PHE A 233 22.10 26.95 8.84
CA PHE A 233 21.25 27.12 10.01
C PHE A 233 21.44 25.96 10.96
N THR A 234 21.66 26.27 12.23
CA THR A 234 21.85 25.27 13.28
C THR A 234 20.91 25.56 14.43
N GLY A 235 20.88 24.64 15.40
CA GLY A 235 20.05 24.80 16.56
C GLY A 235 19.43 23.50 17.05
N HIS A 236 19.36 22.50 16.17
CA HIS A 236 18.79 21.22 16.53
C HIS A 236 19.82 20.37 17.27
N GLU A 237 19.32 19.33 17.95
CA GLU A 237 20.15 18.44 18.74
C GLU A 237 20.33 17.06 18.12
N SER A 238 19.53 16.69 17.12
CA SER A 238 19.60 15.37 16.54
C SER A 238 19.46 15.51 15.02
N ASP A 239 19.32 14.37 14.34
CA ASP A 239 19.26 14.35 12.89
C ASP A 239 17.98 15.03 12.40
N ILE A 240 18.09 15.73 11.28
CA ILE A 240 16.97 16.41 10.67
C ILE A 240 16.32 15.49 9.64
N ASN A 241 15.03 15.24 9.78
CA ASN A 241 14.30 14.34 8.88
C ASN A 241 13.23 15.04 8.06
N ALA A 242 12.80 16.22 8.44
CA ALA A 242 11.71 16.92 7.77
C ALA A 242 12.11 18.35 7.46
N ILE A 243 11.58 18.88 6.35
CA ILE A 243 11.83 20.25 5.96
C ILE A 243 10.66 20.71 5.10
N CYS A 244 10.35 22.00 5.19
CA CYS A 244 9.31 22.60 4.36
C CYS A 244 9.58 24.09 4.24
N PHE A 245 9.20 24.66 3.10
CA PHE A 245 9.51 26.03 2.76
C PHE A 245 8.28 26.90 2.93
N PHE A 246 8.47 28.07 3.54
CA PHE A 246 7.35 29.00 3.74
C PHE A 246 6.86 29.53 2.39
N PRO A 247 5.56 29.82 2.27
CA PRO A 247 5.05 30.40 1.01
C PRO A 247 5.73 31.71 0.64
N ASN A 248 6.20 32.48 1.63
CA ASN A 248 6.96 33.69 1.33
C ASN A 248 8.26 33.38 0.59
N GLY A 249 8.92 32.30 0.99
CA GLY A 249 10.27 32.04 0.53
C GLY A 249 11.36 32.62 1.39
N ASN A 250 11.00 33.40 2.42
CA ASN A 250 11.96 34.00 3.35
C ASN A 250 12.09 33.22 4.64
N ALA A 251 11.45 32.05 4.76
CA ALA A 251 11.50 31.26 5.98
C ALA A 251 11.28 29.79 5.62
N PHE A 252 11.63 28.92 6.57
CA PHE A 252 11.39 27.50 6.43
C PHE A 252 11.29 26.87 7.82
N ALA A 253 10.66 25.70 7.86
CA ALA A 253 10.46 24.95 9.09
C ALA A 253 11.27 23.67 9.06
N THR A 254 11.78 23.27 10.23
CA THR A 254 12.66 22.12 10.36
C THR A 254 12.10 21.13 11.35
N GLY A 255 12.16 19.85 11.00
CA GLY A 255 11.76 18.78 11.89
C GLY A 255 12.87 17.77 12.10
N SER A 256 13.31 17.61 13.34
CA SER A 256 14.47 16.80 13.65
C SER A 256 14.06 15.51 14.35
N ASP A 257 15.08 14.69 14.67
CA ASP A 257 14.83 13.40 15.32
C ASP A 257 14.34 13.54 16.75
N ASP A 258 14.55 14.69 17.37
CA ASP A 258 13.97 14.94 18.69
C ASP A 258 12.53 15.45 18.53
N ALA A 259 11.91 15.82 19.65
CA ALA A 259 10.52 16.25 19.66
C ALA A 259 10.36 17.74 19.43
N THR A 260 11.31 18.38 18.75
CA THR A 260 11.31 19.83 18.57
C THR A 260 11.20 20.17 17.09
N CYS A 261 10.29 21.11 16.78
CA CYS A 261 10.18 21.70 15.46
C CYS A 261 10.66 23.14 15.53
N ARG A 262 11.48 23.54 14.56
CA ARG A 262 12.10 24.86 14.57
C ARG A 262 11.79 25.61 13.28
N LEU A 263 11.47 26.89 13.41
CA LEU A 263 11.23 27.77 12.29
C LEU A 263 12.41 28.74 12.16
N PHE A 264 12.98 28.81 10.97
CA PHE A 264 14.14 29.65 10.71
C PHE A 264 13.80 30.72 9.69
N ASP A 265 14.48 31.86 9.81
CA ASP A 265 14.29 33.00 8.91
C ASP A 265 15.49 33.11 7.99
N LEU A 266 15.22 33.23 6.68
CA LEU A 266 16.31 33.37 5.72
C LEU A 266 17.02 34.71 5.87
N ARG A 267 16.26 35.79 6.03
CA ARG A 267 16.86 37.13 6.14
C ARG A 267 17.53 37.34 7.49
N ALA A 268 16.89 36.89 8.58
CA ALA A 268 17.49 37.03 9.90
C ALA A 268 18.63 36.04 10.10
N ASP A 269 18.56 34.87 9.47
CA ASP A 269 19.59 33.85 9.51
C ASP A 269 19.84 33.41 10.96
N GLN A 270 18.76 33.00 11.62
CA GLN A 270 18.81 32.49 12.98
C GLN A 270 17.47 31.88 13.34
N GLU A 271 17.43 31.16 14.46
CA GLU A 271 16.20 30.57 14.94
C GLU A 271 15.17 31.64 15.26
N LEU A 272 13.92 31.36 14.91
CA LEU A 272 12.82 32.29 15.14
C LEU A 272 11.85 31.83 16.21
N MET A 273 11.31 30.61 16.08
CA MET A 273 10.32 30.12 17.02
C MET A 273 10.53 28.62 17.23
N THR A 274 10.30 28.16 18.45
CA THR A 274 10.50 26.77 18.83
C THR A 274 9.16 26.10 19.10
N TYR A 275 8.91 24.99 18.41
CA TYR A 275 7.68 24.22 18.57
C TYR A 275 8.03 22.90 19.29
N SER A 276 7.64 22.80 20.56
CA SER A 276 7.93 21.61 21.34
C SER A 276 6.90 21.50 22.46
N HIS A 277 6.78 20.30 23.00
CA HIS A 277 5.89 20.05 24.13
C HIS A 277 6.47 18.93 24.98
N ASP A 278 6.10 18.92 26.26
CA ASP A 278 6.65 17.93 27.19
C ASP A 278 6.13 16.53 26.88
N ASN A 279 4.86 16.41 26.49
CA ASN A 279 4.28 15.10 26.25
C ASN A 279 4.86 14.42 25.02
N ILE A 280 5.49 15.17 24.12
CA ILE A 280 6.07 14.60 22.91
C ILE A 280 7.53 14.28 23.18
N ILE A 281 7.93 13.03 22.86
CA ILE A 281 9.29 12.58 23.06
C ILE A 281 9.83 12.04 21.73
N CYS A 282 8.92 11.61 20.86
CA CYS A 282 9.29 10.99 19.60
C CYS A 282 9.79 12.05 18.62
N GLY A 283 10.22 11.62 17.43
CA GLY A 283 10.76 12.50 16.43
C GLY A 283 9.71 12.95 15.41
N ILE A 284 10.18 13.75 14.45
CA ILE A 284 9.36 14.29 13.38
C ILE A 284 9.84 13.72 12.06
N THR A 285 8.93 13.18 11.27
CA THR A 285 9.25 12.61 9.97
C THR A 285 8.91 13.55 8.81
N SER A 286 7.79 14.25 8.88
CA SER A 286 7.35 15.13 7.81
C SER A 286 6.87 16.45 8.40
N VAL A 287 7.06 17.52 7.64
CA VAL A 287 6.65 18.86 8.04
C VAL A 287 6.07 19.57 6.83
N SER A 288 4.93 20.24 7.00
CA SER A 288 4.30 20.97 5.92
C SER A 288 3.61 22.21 6.48
N PHE A 289 3.37 23.17 5.60
CA PHE A 289 2.73 24.42 5.95
C PHE A 289 1.38 24.54 5.26
N SER A 290 0.53 25.39 5.80
CA SER A 290 -0.78 25.66 5.21
C SER A 290 -0.64 26.65 4.05
N LYS A 291 -1.77 27.02 3.46
CA LYS A 291 -1.75 27.96 2.34
C LYS A 291 -1.20 29.32 2.76
N SER A 292 -1.62 29.81 3.92
CA SER A 292 -1.18 31.11 4.42
C SER A 292 0.04 31.03 5.31
N GLY A 293 0.59 29.83 5.52
CA GLY A 293 1.72 29.68 6.40
C GLY A 293 1.43 29.97 7.86
N ARG A 294 0.19 29.74 8.30
CA ARG A 294 -0.20 29.94 9.69
C ARG A 294 -0.21 28.65 10.48
N LEU A 295 -0.51 27.52 9.84
CA LEU A 295 -0.59 26.23 10.51
C LEU A 295 0.59 25.37 10.08
N LEU A 296 1.33 24.86 11.06
CA LEU A 296 2.47 23.98 10.82
C LEU A 296 2.04 22.56 11.15
N LEU A 297 1.98 21.70 10.14
CA LEU A 297 1.59 20.31 10.30
C LEU A 297 2.83 19.44 10.29
N ALA A 298 2.98 18.60 11.31
CA ALA A 298 4.15 17.74 11.44
C ALA A 298 3.73 16.35 11.87
N GLY A 299 4.27 15.33 11.19
CA GLY A 299 4.06 13.96 11.59
C GLY A 299 5.07 13.51 12.62
N TYR A 300 4.65 12.56 13.46
CA TYR A 300 5.46 12.09 14.57
C TYR A 300 5.50 10.57 14.58
N ASP A 301 6.39 10.03 15.42
CA ASP A 301 6.54 8.59 15.57
C ASP A 301 5.53 7.99 16.54
N ASP A 302 4.72 8.81 17.20
CA ASP A 302 3.73 8.34 18.15
C ASP A 302 2.40 7.98 17.48
N PHE A 303 2.43 7.67 16.18
CA PHE A 303 1.27 7.29 15.38
C PHE A 303 0.29 8.44 15.23
N ASN A 304 0.74 9.68 15.45
CA ASN A 304 -0.14 10.83 15.51
C ASN A 304 0.47 12.01 14.75
N CYS A 305 -0.39 12.90 14.31
CA CYS A 305 0.00 14.12 13.62
C CYS A 305 -0.47 15.32 14.42
N ASN A 306 0.40 16.31 14.59
CA ASN A 306 0.12 17.49 15.39
C ASN A 306 0.08 18.72 14.49
N VAL A 307 -0.94 19.56 14.71
CA VAL A 307 -1.09 20.82 13.99
C VAL A 307 -0.62 21.94 14.91
N TRP A 308 0.41 22.66 14.50
CA TRP A 308 1.01 23.71 15.29
C TRP A 308 0.64 25.09 14.75
N ASP A 309 0.40 26.03 15.66
CA ASP A 309 0.23 27.43 15.29
C ASP A 309 1.61 28.01 15.04
N ALA A 310 1.91 28.31 13.77
CA ALA A 310 3.25 28.74 13.39
C ALA A 310 3.63 30.07 14.03
N LEU A 311 2.67 30.88 14.46
CA LEU A 311 2.96 32.18 15.02
C LEU A 311 3.00 32.19 16.56
N LYS A 312 2.37 31.22 17.21
CA LYS A 312 2.30 31.20 18.67
C LYS A 312 2.83 29.92 19.29
N ALA A 313 3.26 28.94 18.48
CA ALA A 313 3.76 27.65 18.94
C ALA A 313 2.73 26.86 19.74
N ASP A 314 1.46 27.26 19.71
CA ASP A 314 0.42 26.55 20.43
C ASP A 314 -0.13 25.40 19.58
N ARG A 315 -0.39 24.28 20.23
CA ARG A 315 -0.93 23.11 19.54
C ARG A 315 -2.39 23.36 19.20
N ALA A 316 -2.66 23.66 17.93
CA ALA A 316 -4.01 23.98 17.51
C ALA A 316 -4.90 22.75 17.44
N GLY A 317 -4.37 21.64 16.94
CA GLY A 317 -5.17 20.44 16.78
C GLY A 317 -4.29 19.23 16.60
N VAL A 318 -4.93 18.06 16.71
CA VAL A 318 -4.25 16.77 16.64
C VAL A 318 -4.98 15.89 15.64
N LEU A 319 -4.22 15.22 14.78
CA LEU A 319 -4.74 14.27 13.79
C LEU A 319 -4.34 12.87 14.25
N ALA A 320 -5.31 12.12 14.77
CA ALA A 320 -5.09 10.77 15.28
C ALA A 320 -5.96 9.82 14.49
N GLY A 321 -5.41 9.24 13.43
CA GLY A 321 -6.15 8.31 12.60
C GLY A 321 -5.33 7.16 12.06
N HIS A 322 -4.09 7.04 12.53
CA HIS A 322 -3.17 6.01 12.03
C HIS A 322 -2.71 5.12 13.17
N ASP A 323 -2.58 3.83 12.88
CA ASP A 323 -2.12 2.86 13.86
C ASP A 323 -0.61 2.62 13.80
N ASN A 324 0.10 3.32 12.90
CA ASN A 324 1.54 3.19 12.77
C ASN A 324 2.15 4.57 12.57
N ARG A 325 3.47 4.61 12.52
CA ARG A 325 4.19 5.88 12.42
C ARG A 325 3.83 6.63 11.15
N VAL A 326 3.54 7.91 11.29
CA VAL A 326 3.26 8.78 10.14
C VAL A 326 4.60 9.15 9.51
N SER A 327 4.87 8.63 8.31
CA SER A 327 6.16 8.83 7.66
C SER A 327 6.16 9.98 6.67
N CYS A 328 5.03 10.22 6.00
CA CYS A 328 4.96 11.23 4.95
C CYS A 328 3.68 12.05 5.11
N LEU A 329 3.78 13.33 4.79
CA LEU A 329 2.68 14.27 5.00
C LEU A 329 2.89 15.48 4.11
N GLY A 330 1.79 16.10 3.70
CA GLY A 330 1.87 17.28 2.85
C GLY A 330 0.50 17.90 2.67
N VAL A 331 0.50 19.08 2.06
CA VAL A 331 -0.70 19.90 1.90
C VAL A 331 -0.87 20.22 0.41
N THR A 332 -2.13 20.23 -0.03
CA THR A 332 -2.43 20.54 -1.42
C THR A 332 -1.99 21.96 -1.77
N ASP A 333 -1.91 22.22 -3.08
CA ASP A 333 -1.49 23.55 -3.55
C ASP A 333 -2.49 24.62 -3.12
N ASP A 334 -3.78 24.34 -3.22
CA ASP A 334 -4.80 25.27 -2.76
C ASP A 334 -5.00 25.22 -1.26
N GLY A 335 -4.42 24.24 -0.57
CA GLY A 335 -4.51 24.14 0.86
C GLY A 335 -5.84 23.63 1.39
N MET A 336 -6.69 23.09 0.53
CA MET A 336 -8.01 22.65 0.96
C MET A 336 -7.93 21.38 1.79
N ALA A 337 -7.12 20.41 1.36
CA ALA A 337 -7.05 19.11 2.00
C ALA A 337 -5.60 18.78 2.38
N VAL A 338 -5.46 17.95 3.41
CA VAL A 338 -4.18 17.45 3.86
C VAL A 338 -4.21 15.92 3.77
N ALA A 339 -3.23 15.35 3.07
CA ALA A 339 -3.12 13.90 2.93
C ALA A 339 -1.96 13.41 3.78
N THR A 340 -2.23 12.41 4.62
CA THR A 340 -1.25 11.88 5.55
C THR A 340 -1.01 10.40 5.25
N GLY A 341 0.26 10.04 5.05
CA GLY A 341 0.66 8.66 4.90
C GLY A 341 1.30 8.13 6.16
N SER A 342 1.32 6.80 6.28
CA SER A 342 1.86 6.17 7.48
C SER A 342 2.33 4.76 7.14
N TRP A 343 3.02 4.15 8.09
CA TRP A 343 3.55 2.81 7.93
C TRP A 343 2.46 1.74 7.94
N ASP A 344 1.22 2.10 8.28
CA ASP A 344 0.10 1.16 8.28
C ASP A 344 -0.46 0.91 6.88
N SER A 345 0.24 1.36 5.83
CA SER A 345 -0.14 1.12 4.45
C SER A 345 -1.50 1.73 4.12
N PHE A 346 -1.72 2.97 4.57
CA PHE A 346 -2.96 3.68 4.30
C PHE A 346 -2.67 5.15 4.04
N LEU A 347 -3.51 5.76 3.21
CA LEU A 347 -3.49 7.19 2.97
C LEU A 347 -4.81 7.79 3.48
N LYS A 348 -4.70 8.91 4.17
CA LYS A 348 -5.86 9.57 4.76
C LYS A 348 -5.87 11.04 4.35
N ILE A 349 -7.04 11.52 3.89
CA ILE A 349 -7.22 12.90 3.49
C ILE A 349 -8.06 13.59 4.56
N TRP A 350 -7.56 14.72 5.07
CA TRP A 350 -8.19 15.43 6.17
C TRP A 350 -8.69 16.79 5.72
N ASN A 351 -9.90 17.13 6.14
CA ASN A 351 -10.51 18.42 5.80
C ASN A 351 -11.22 18.96 7.03
N GLY A 352 -11.37 20.28 7.07
CA GLY A 352 -12.07 20.93 8.17
C GLY A 352 -13.57 20.98 7.95
N SER A 353 -14.30 21.12 9.04
CA SER A 353 -15.76 21.18 8.99
C SER A 353 -16.23 22.56 8.54
N SER B 6 -23.56 6.62 -12.80
CA SER B 6 -23.51 7.28 -14.10
C SER B 6 -22.87 6.37 -15.15
N ALA B 7 -22.73 6.89 -16.36
CA ALA B 7 -22.14 6.14 -17.46
C ALA B 7 -20.65 6.42 -17.65
N GLU B 8 -20.03 7.22 -16.78
CA GLU B 8 -18.60 7.42 -16.85
C GLU B 8 -17.88 7.10 -15.55
N ASP B 9 -18.60 6.91 -14.44
CA ASP B 9 -17.97 6.41 -13.23
C ASP B 9 -17.46 4.99 -13.41
N LYS B 10 -18.16 4.18 -14.22
CA LYS B 10 -17.80 2.78 -14.39
C LYS B 10 -16.42 2.63 -15.03
N ALA B 11 -16.13 3.44 -16.05
CA ALA B 11 -14.87 3.28 -16.78
C ALA B 11 -13.67 3.53 -15.88
N ALA B 12 -13.71 4.58 -15.06
CA ALA B 12 -12.61 4.85 -14.14
C ALA B 12 -12.56 3.81 -13.02
N VAL B 13 -13.73 3.42 -12.51
CA VAL B 13 -13.77 2.45 -11.41
C VAL B 13 -13.32 1.07 -11.89
N GLU B 14 -13.74 0.67 -13.09
CA GLU B 14 -13.36 -0.65 -13.60
C GLU B 14 -11.85 -0.74 -13.80
N ARG B 15 -11.23 0.31 -14.34
CA ARG B 15 -9.78 0.33 -14.46
C ARG B 15 -9.12 0.31 -13.08
N SER B 16 -9.67 1.06 -12.13
CA SER B 16 -9.14 1.06 -10.78
C SER B 16 -9.28 -0.32 -10.14
N LYS B 17 -10.43 -0.96 -10.31
CA LYS B 17 -10.65 -2.28 -9.70
C LYS B 17 -9.70 -3.32 -10.27
N MET B 18 -9.34 -3.19 -11.56
CA MET B 18 -8.40 -4.13 -12.15
C MET B 18 -7.00 -4.00 -11.53
N ILE B 19 -6.67 -2.81 -11.02
CA ILE B 19 -5.34 -2.60 -10.44
C ILE B 19 -5.22 -3.35 -9.12
N ASP B 20 -6.24 -3.26 -8.26
CA ASP B 20 -6.21 -4.00 -7.01
C ASP B 20 -6.20 -5.50 -7.24
N ARG B 21 -6.79 -5.97 -8.34
CA ARG B 21 -6.71 -7.38 -8.67
C ARG B 21 -5.26 -7.79 -8.93
N ASN B 22 -4.51 -6.96 -9.65
CA ASN B 22 -3.09 -7.23 -9.85
C ASN B 22 -2.30 -6.99 -8.58
N LEU B 23 -2.69 -5.99 -7.78
CA LEU B 23 -2.01 -5.73 -6.52
C LEU B 23 -2.18 -6.88 -5.56
N ARG B 24 -3.38 -7.46 -5.49
CA ARG B 24 -3.61 -8.60 -4.60
C ARG B 24 -2.80 -9.81 -5.03
N GLU B 25 -2.71 -10.05 -6.35
CA GLU B 25 -1.91 -11.17 -6.85
C GLU B 25 -0.44 -10.98 -6.51
N ASP B 26 0.08 -9.76 -6.67
CA ASP B 26 1.48 -9.49 -6.32
C ASP B 26 1.72 -9.67 -4.83
N GLY B 27 0.79 -9.19 -4.00
CA GLY B 27 0.94 -9.34 -2.56
C GLY B 27 0.90 -10.79 -2.12
N GLU B 28 0.01 -11.59 -2.71
CA GLU B 28 -0.07 -13.01 -2.37
C GLU B 28 1.22 -13.73 -2.75
N LYS B 29 1.77 -13.43 -3.93
CA LYS B 29 3.04 -14.03 -4.33
C LYS B 29 4.17 -13.60 -3.42
N ALA B 30 4.20 -12.32 -3.03
CA ALA B 30 5.25 -11.84 -2.14
C ALA B 30 5.13 -12.43 -0.75
N ALA B 31 3.91 -12.67 -0.27
CA ALA B 31 3.71 -13.23 1.05
C ALA B 31 4.22 -14.67 1.16
N ARG B 32 4.39 -15.35 0.03
CA ARG B 32 4.92 -16.72 0.02
C ARG B 32 6.44 -16.76 -0.11
N GLU B 33 7.10 -15.60 -0.11
CA GLU B 33 8.53 -15.50 -0.29
C GLU B 33 9.22 -15.23 1.04
N VAL B 34 10.49 -15.64 1.14
CA VAL B 34 11.28 -15.48 2.34
C VAL B 34 12.36 -14.46 2.08
N LYS B 35 12.45 -13.44 2.93
CA LYS B 35 13.43 -12.37 2.80
C LYS B 35 14.57 -12.60 3.77
N LEU B 36 15.80 -12.47 3.28
CA LEU B 36 17.00 -12.64 4.08
C LEU B 36 17.86 -11.39 3.99
N LEU B 37 18.43 -10.98 5.12
CA LEU B 37 19.26 -9.79 5.20
C LEU B 37 20.71 -10.23 5.43
N LEU B 38 21.51 -10.16 4.37
CA LEU B 38 22.94 -10.46 4.47
C LEU B 38 23.65 -9.26 5.10
N LEU B 39 24.21 -9.44 6.29
CA LEU B 39 24.70 -8.34 7.10
C LEU B 39 26.10 -8.63 7.62
N GLY B 40 26.99 -9.05 6.73
CA GLY B 40 28.38 -9.24 7.10
C GLY B 40 29.13 -7.93 7.22
N ALA B 41 30.37 -8.01 7.71
CA ALA B 41 31.20 -6.84 7.92
C ALA B 41 32.54 -7.03 7.22
N GLY B 42 32.87 -6.09 6.33
CA GLY B 42 34.17 -6.09 5.69
C GLY B 42 34.48 -7.31 4.83
N GLU B 43 33.48 -7.81 4.12
CA GLU B 43 33.63 -8.98 3.24
C GLU B 43 34.20 -10.17 4.01
N SER B 44 33.50 -10.52 5.09
CA SER B 44 33.90 -11.65 5.94
C SER B 44 33.31 -12.93 5.37
N GLY B 45 33.84 -13.32 4.21
CA GLY B 45 33.33 -14.48 3.52
C GLY B 45 31.95 -14.31 2.93
N LYS B 46 31.52 -13.08 2.71
CA LYS B 46 30.17 -12.84 2.19
C LYS B 46 30.00 -13.43 0.80
N SER B 47 31.01 -13.26 -0.07
CA SER B 47 30.90 -13.77 -1.44
C SER B 47 30.92 -15.30 -1.46
N THR B 48 31.61 -15.93 -0.52
CA THR B 48 31.68 -17.39 -0.50
C THR B 48 30.30 -18.01 -0.29
N ILE B 49 29.52 -17.47 0.66
CA ILE B 49 28.21 -18.02 0.94
C ILE B 49 27.18 -17.61 -0.11
N VAL B 50 27.42 -16.52 -0.85
CA VAL B 50 26.48 -16.13 -1.90
C VAL B 50 26.47 -17.17 -3.01
N LYS B 51 27.64 -17.64 -3.44
CA LYS B 51 27.71 -18.63 -4.50
C LYS B 51 27.31 -20.02 -4.03
N GLN B 52 27.26 -20.25 -2.72
CA GLN B 52 26.93 -21.57 -2.18
C GLN B 52 25.44 -21.81 -2.01
N MET B 53 24.60 -20.81 -2.31
CA MET B 53 23.15 -20.98 -2.23
C MET B 53 22.64 -21.49 -3.56
N LYS B 54 22.08 -22.71 -3.56
CA LYS B 54 21.54 -23.35 -4.74
C LYS B 54 22.57 -23.43 -5.87
N THR B 182 26.02 0.29 -7.42
CA THR B 182 24.93 -0.50 -6.89
C THR B 182 24.85 -0.38 -5.37
N GLY B 183 23.70 0.09 -4.88
CA GLY B 183 23.49 0.28 -3.46
C GLY B 183 23.21 -1.02 -2.73
N ILE B 184 22.17 -1.73 -3.14
CA ILE B 184 21.76 -2.98 -2.52
C ILE B 184 21.67 -4.06 -3.59
N VAL B 185 22.27 -5.22 -3.32
CA VAL B 185 22.29 -6.34 -4.25
C VAL B 185 21.21 -7.33 -3.86
N GLU B 186 20.43 -7.78 -4.84
CA GLU B 186 19.35 -8.73 -4.62
C GLU B 186 19.73 -10.07 -5.24
N THR B 187 19.59 -11.14 -4.45
CA THR B 187 19.91 -12.49 -4.89
C THR B 187 18.71 -13.39 -4.64
N HIS B 188 18.31 -14.16 -5.66
CA HIS B 188 17.18 -15.07 -5.57
C HIS B 188 17.67 -16.50 -5.79
N PHE B 189 17.27 -17.40 -4.91
CA PHE B 189 17.57 -18.82 -5.07
C PHE B 189 16.42 -19.64 -4.50
N THR B 190 16.19 -20.80 -5.09
CA THR B 190 15.08 -21.67 -4.71
C THR B 190 15.62 -22.94 -4.07
N PHE B 191 15.12 -23.26 -2.87
CA PHE B 191 15.52 -24.47 -2.17
C PHE B 191 14.27 -25.10 -1.55
N LYS B 192 14.03 -26.36 -1.89
CA LYS B 192 12.88 -27.12 -1.39
C LYS B 192 11.57 -26.38 -1.66
N ASP B 193 11.41 -25.93 -2.90
CA ASP B 193 10.22 -25.25 -3.40
C ASP B 193 9.92 -23.94 -2.68
N LEU B 194 10.89 -23.41 -1.91
CA LEU B 194 10.73 -22.16 -1.19
C LEU B 194 11.60 -21.09 -1.84
N HIS B 195 11.01 -19.93 -2.12
CA HIS B 195 11.72 -18.83 -2.76
C HIS B 195 12.38 -17.97 -1.70
N PHE B 196 13.65 -17.64 -1.93
CA PHE B 196 14.45 -16.86 -0.99
C PHE B 196 14.96 -15.59 -1.67
N LYS B 197 14.86 -14.47 -0.96
CA LYS B 197 15.46 -13.21 -1.38
C LYS B 197 16.53 -12.82 -0.37
N MET B 198 17.76 -12.61 -0.85
CA MET B 198 18.86 -12.13 -0.03
C MET B 198 19.19 -10.70 -0.43
N PHE B 199 19.26 -9.81 0.56
CA PHE B 199 19.59 -8.40 0.34
C PHE B 199 20.94 -8.11 0.96
N ASP B 200 21.85 -7.58 0.15
CA ASP B 200 23.20 -7.22 0.60
C ASP B 200 23.31 -5.70 0.58
N VAL B 201 23.60 -5.11 1.74
CA VAL B 201 23.68 -3.65 1.86
C VAL B 201 25.09 -3.26 2.27
N GLY B 202 26.08 -4.06 1.89
CA GLY B 202 27.45 -3.76 2.22
C GLY B 202 28.01 -2.56 1.49
N GLY B 203 27.47 -2.24 0.32
CA GLY B 203 27.89 -1.12 -0.47
C GLY B 203 27.17 0.19 -0.21
N GLN B 204 26.31 0.23 0.82
CA GLN B 204 25.57 1.45 1.11
C GLN B 204 26.51 2.57 1.56
N ARG B 205 27.38 2.27 2.52
CA ARG B 205 28.37 3.23 3.03
C ARG B 205 27.69 4.51 3.52
N SER B 206 26.79 4.33 4.49
CA SER B 206 26.05 5.45 5.07
C SER B 206 25.63 5.07 6.48
N GLU B 207 24.94 6.00 7.16
CA GLU B 207 24.46 5.74 8.50
C GLU B 207 23.39 4.66 8.48
N ARG B 208 23.63 3.58 9.21
CA ARG B 208 22.71 2.44 9.19
C ARG B 208 21.37 2.78 9.82
N LYS B 209 21.37 3.65 10.84
CA LYS B 209 20.13 3.92 11.58
C LYS B 209 19.08 4.62 10.72
N LYS B 210 19.46 5.18 9.58
CA LYS B 210 18.52 5.90 8.74
C LYS B 210 17.81 5.02 7.72
N TRP B 211 18.27 3.78 7.52
CA TRP B 211 17.64 2.88 6.57
C TRP B 211 17.48 1.45 7.08
N ILE B 212 17.90 1.17 8.32
CA ILE B 212 17.77 -0.19 8.85
C ILE B 212 16.33 -0.51 9.22
N HIS B 213 15.48 0.50 9.37
CA HIS B 213 14.07 0.26 9.66
C HIS B 213 13.31 -0.28 8.45
N CYS B 214 13.88 -0.11 7.25
CA CYS B 214 13.21 -0.61 6.05
C CYS B 214 13.18 -2.13 6.02
N PHE B 215 14.08 -2.79 6.76
CA PHE B 215 14.15 -4.24 6.81
C PHE B 215 13.39 -4.83 7.99
N GLU B 216 12.55 -4.04 8.65
CA GLU B 216 11.70 -4.57 9.71
C GLU B 216 10.76 -5.63 9.14
N GLY B 217 10.54 -6.68 9.93
CA GLY B 217 9.70 -7.78 9.49
C GLY B 217 10.39 -8.79 8.61
N VAL B 218 11.71 -8.70 8.43
CA VAL B 218 12.44 -9.68 7.64
C VAL B 218 12.40 -11.04 8.34
N THR B 219 12.48 -12.10 7.53
CA THR B 219 12.40 -13.44 8.09
C THR B 219 13.57 -13.72 9.02
N ALA B 220 14.79 -13.41 8.56
CA ALA B 220 15.98 -13.65 9.36
C ALA B 220 17.11 -12.77 8.84
N ILE B 221 18.15 -12.65 9.65
CA ILE B 221 19.36 -11.90 9.29
C ILE B 221 20.52 -12.88 9.24
N ILE B 222 21.22 -12.91 8.11
CA ILE B 222 22.37 -13.77 7.92
C ILE B 222 23.63 -12.96 8.21
N PHE B 223 24.40 -13.40 9.19
CA PHE B 223 25.60 -12.71 9.62
C PHE B 223 26.82 -13.55 9.26
N CYS B 224 27.78 -12.92 8.59
CA CYS B 224 29.01 -13.58 8.15
C CYS B 224 30.20 -13.01 8.90
N VAL B 225 30.94 -13.87 9.58
CA VAL B 225 32.15 -13.49 10.30
C VAL B 225 33.27 -14.43 9.87
N ALA B 226 34.40 -13.86 9.47
CA ALA B 226 35.57 -14.65 9.14
C ALA B 226 36.40 -14.88 10.39
N LEU B 227 36.73 -16.15 10.65
CA LEU B 227 37.54 -16.48 11.82
C LEU B 227 39.03 -16.19 11.61
N SER B 228 39.44 -15.85 10.38
CA SER B 228 40.85 -15.64 10.08
C SER B 228 41.30 -14.20 10.30
N ASP B 229 40.41 -13.28 10.62
CA ASP B 229 40.77 -11.89 10.79
C ASP B 229 41.06 -11.52 12.25
N TYR B 230 41.16 -12.51 13.14
CA TYR B 230 41.51 -12.25 14.53
C TYR B 230 42.94 -11.76 14.69
N ASP B 231 43.76 -11.85 13.64
CA ASP B 231 45.11 -11.32 13.68
C ASP B 231 45.26 -10.24 12.62
N LEU B 232 44.27 -9.36 12.54
CA LEU B 232 44.27 -8.30 11.54
C LEU B 232 43.74 -6.99 12.13
N MET B 240 40.32 -1.39 16.87
CA MET B 240 40.66 -1.31 15.45
C MET B 240 40.84 -2.70 14.85
N ASN B 241 40.75 -3.72 15.70
CA ASN B 241 40.87 -5.10 15.23
C ASN B 241 39.68 -5.48 14.37
N ARG B 242 39.94 -6.31 13.35
CA ARG B 242 38.87 -6.72 12.44
C ARG B 242 37.81 -7.54 13.17
N MET B 243 38.23 -8.47 14.03
CA MET B 243 37.27 -9.27 14.78
C MET B 243 36.43 -8.40 15.71
N HIS B 244 37.06 -7.47 16.42
CA HIS B 244 36.34 -6.63 17.36
C HIS B 244 35.32 -5.74 16.66
N GLU B 245 35.63 -5.31 15.44
CA GLU B 245 34.66 -4.55 14.65
C GLU B 245 33.43 -5.39 14.33
N SER B 246 33.63 -6.69 14.06
CA SER B 246 32.51 -7.56 13.78
C SER B 246 31.57 -7.69 14.97
N MET B 247 32.13 -7.85 16.17
CA MET B 247 31.30 -7.95 17.37
C MET B 247 30.62 -6.62 17.67
N LYS B 248 31.29 -5.50 17.41
CA LYS B 248 30.71 -4.20 17.68
C LYS B 248 29.46 -3.96 16.84
N LEU B 249 29.52 -4.28 15.54
CA LEU B 249 28.36 -4.09 14.69
C LEU B 249 27.33 -5.20 14.90
N PHE B 250 27.78 -6.40 15.28
CA PHE B 250 26.84 -7.45 15.65
C PHE B 250 26.04 -7.08 16.89
N ASP B 251 26.70 -6.50 17.89
CA ASP B 251 26.01 -6.10 19.11
C ASP B 251 24.96 -5.03 18.84
N SER B 252 25.30 -4.05 17.99
CA SER B 252 24.36 -2.98 17.71
C SER B 252 23.20 -3.45 16.84
N ILE B 253 23.41 -4.47 16.02
CA ILE B 253 22.36 -4.97 15.14
C ILE B 253 21.50 -6.03 15.82
N CYS B 254 22.12 -6.93 16.57
CA CYS B 254 21.35 -7.92 17.32
C CYS B 254 20.47 -7.24 18.37
N ASN B 255 21.00 -6.23 19.06
CA ASN B 255 20.24 -5.48 20.05
C ASN B 255 19.66 -4.21 19.42
N ASN B 256 18.84 -4.42 18.39
CA ASN B 256 18.22 -3.33 17.65
C ASN B 256 16.73 -3.29 17.92
N LYS B 257 16.17 -2.08 17.95
CA LYS B 257 14.76 -1.91 18.22
C LYS B 257 13.90 -2.53 17.12
N TRP B 258 14.34 -2.41 15.86
CA TRP B 258 13.62 -3.03 14.76
C TRP B 258 13.85 -4.53 14.67
N PHE B 259 14.84 -5.08 15.37
CA PHE B 259 15.14 -6.49 15.31
C PHE B 259 15.03 -7.14 16.68
N THR B 260 13.95 -6.84 17.40
CA THR B 260 13.79 -7.38 18.75
C THR B 260 13.64 -8.89 18.75
N ASP B 261 12.86 -9.45 17.82
CA ASP B 261 12.56 -10.87 17.82
C ASP B 261 12.91 -11.54 16.49
N THR B 262 13.83 -10.95 15.71
CA THR B 262 14.19 -11.53 14.42
C THR B 262 15.24 -12.63 14.63
N SER B 263 15.21 -13.62 13.73
CA SER B 263 16.20 -14.70 13.78
C SER B 263 17.54 -14.21 13.25
N ILE B 264 18.61 -14.66 13.89
CA ILE B 264 19.98 -14.33 13.48
C ILE B 264 20.69 -15.63 13.13
N ILE B 265 21.27 -15.69 11.94
CA ILE B 265 22.06 -16.82 11.49
C ILE B 265 23.51 -16.34 11.39
N LEU B 266 24.36 -16.84 12.27
CA LEU B 266 25.76 -16.44 12.33
C LEU B 266 26.60 -17.47 11.57
N PHE B 267 27.31 -17.01 10.55
CA PHE B 267 28.14 -17.87 9.71
C PHE B 267 29.61 -17.55 10.01
N LEU B 268 30.27 -18.45 10.75
CA LEU B 268 31.69 -18.32 11.04
C LEU B 268 32.45 -19.08 9.96
N ASN B 269 32.75 -18.38 8.87
CA ASN B 269 33.38 -18.97 7.71
C ASN B 269 34.90 -18.88 7.83
N LYS B 270 35.60 -19.30 6.77
CA LYS B 270 37.07 -19.30 6.73
C LYS B 270 37.66 -20.12 7.88
N LYS B 271 37.02 -21.25 8.20
CA LYS B 271 37.53 -22.11 9.25
C LYS B 271 38.76 -22.89 8.82
N ASP B 272 38.96 -23.10 7.53
CA ASP B 272 40.16 -23.77 7.05
C ASP B 272 41.41 -22.92 7.32
N LEU B 273 41.31 -21.61 7.06
CA LEU B 273 42.44 -20.73 7.34
C LEU B 273 42.62 -20.50 8.84
N PHE B 274 41.54 -20.57 9.61
CA PHE B 274 41.64 -20.38 11.05
C PHE B 274 42.45 -21.50 11.70
N GLU B 275 42.30 -22.73 11.20
CA GLU B 275 43.05 -23.85 11.77
C GLU B 275 44.54 -23.68 11.59
N GLU B 276 44.97 -23.22 10.41
CA GLU B 276 46.40 -23.01 10.18
C GLU B 276 46.92 -21.81 10.96
N LYS B 277 46.15 -20.73 11.04
CA LYS B 277 46.60 -19.53 11.73
C LYS B 277 46.72 -19.77 13.23
N ILE B 278 45.78 -20.52 13.82
CA ILE B 278 45.81 -20.74 15.27
C ILE B 278 46.99 -21.61 15.68
N LYS B 279 47.59 -22.35 14.74
CA LYS B 279 48.75 -23.16 15.05
C LYS B 279 50.03 -22.35 15.19
N LYS B 280 50.03 -21.09 14.73
CA LYS B 280 51.20 -20.23 14.83
C LYS B 280 50.93 -18.90 15.53
N SER B 281 49.68 -18.44 15.59
CA SER B 281 49.33 -17.20 16.26
C SER B 281 48.29 -17.50 17.34
N PRO B 282 48.54 -17.14 18.59
CA PRO B 282 47.59 -17.43 19.65
C PRO B 282 46.34 -16.55 19.56
N LEU B 283 45.26 -17.06 20.15
CA LEU B 283 44.02 -16.29 20.22
C LEU B 283 44.09 -15.12 21.17
N THR B 284 45.11 -15.07 22.04
CA THR B 284 45.25 -13.98 23.00
C THR B 284 45.54 -12.64 22.34
N ILE B 285 45.92 -12.63 21.07
CA ILE B 285 46.16 -11.36 20.38
C ILE B 285 44.86 -10.56 20.26
N CYS B 286 43.75 -11.25 20.03
CA CYS B 286 42.44 -10.60 19.92
C CYS B 286 41.68 -10.59 21.23
N TYR B 287 41.69 -11.69 21.99
CA TYR B 287 41.01 -11.77 23.27
C TYR B 287 42.03 -11.89 24.39
N PRO B 288 42.35 -10.82 25.11
CA PRO B 288 43.34 -10.91 26.19
C PRO B 288 42.92 -11.83 27.34
N GLU B 289 41.62 -12.08 27.49
CA GLU B 289 41.12 -12.88 28.61
C GLU B 289 41.03 -14.36 28.29
N TYR B 290 41.46 -14.79 27.09
CA TYR B 290 41.40 -16.19 26.73
C TYR B 290 42.35 -17.00 27.61
N ALA B 291 41.85 -18.15 28.09
CA ALA B 291 42.63 -19.01 28.96
C ALA B 291 42.88 -20.41 28.40
N GLY B 292 42.16 -20.81 27.36
CA GLY B 292 42.33 -22.13 26.78
C GLY B 292 43.58 -22.24 25.93
N SER B 293 43.82 -23.46 25.45
CA SER B 293 44.98 -23.74 24.61
C SER B 293 44.70 -23.26 23.19
N ASN B 294 45.61 -23.59 22.26
CA ASN B 294 45.50 -23.17 20.88
C ASN B 294 44.80 -24.19 19.99
N THR B 295 44.15 -25.18 20.58
CA THR B 295 43.41 -26.16 19.79
C THR B 295 42.25 -25.49 19.07
N TYR B 296 42.01 -25.91 17.83
CA TYR B 296 40.99 -25.26 17.01
C TYR B 296 39.60 -25.45 17.59
N GLU B 297 39.31 -26.64 18.13
CA GLU B 297 37.96 -26.94 18.58
C GLU B 297 37.50 -26.00 19.68
N GLU B 298 38.35 -25.80 20.69
CA GLU B 298 37.98 -24.90 21.79
C GLU B 298 38.14 -23.44 21.41
N ALA B 299 39.12 -23.11 20.56
CA ALA B 299 39.30 -21.73 20.13
C ALA B 299 38.10 -21.26 19.30
N ALA B 300 37.62 -22.10 18.38
CA ALA B 300 36.44 -21.76 17.61
C ALA B 300 35.21 -21.66 18.50
N ALA B 301 35.09 -22.57 19.48
CA ALA B 301 33.96 -22.52 20.41
C ALA B 301 34.00 -21.26 21.26
N TYR B 302 35.20 -20.82 21.66
CA TYR B 302 35.31 -19.61 22.46
C TYR B 302 34.81 -18.39 21.70
N ILE B 303 35.15 -18.28 20.42
CA ILE B 303 34.68 -17.16 19.61
C ILE B 303 33.17 -17.17 19.49
N GLN B 304 32.59 -18.36 19.29
CA GLN B 304 31.14 -18.48 19.17
C GLN B 304 30.43 -18.06 20.45
N CYS B 305 30.99 -18.45 21.61
CA CYS B 305 30.37 -18.09 22.87
C CYS B 305 30.36 -16.59 23.09
N GLN B 306 31.46 -15.91 22.74
CA GLN B 306 31.51 -14.46 22.89
C GLN B 306 30.48 -13.77 21.99
N PHE B 307 30.36 -14.24 20.75
CA PHE B 307 29.35 -13.68 19.85
C PHE B 307 27.94 -13.98 20.36
N GLU B 308 27.72 -15.20 20.87
CA GLU B 308 26.39 -15.56 21.37
C GLU B 308 26.06 -14.89 22.69
N ASP B 309 27.06 -14.32 23.38
CA ASP B 309 26.82 -13.63 24.64
C ASP B 309 26.54 -12.14 24.45
N LEU B 310 26.56 -11.64 23.21
CA LEU B 310 26.35 -10.22 22.96
C LEU B 310 24.88 -9.82 22.92
N ASN B 311 23.96 -10.79 22.86
CA ASN B 311 22.54 -10.48 22.80
C ASN B 311 21.96 -10.43 24.21
N LYS B 312 21.11 -9.42 24.45
CA LYS B 312 20.50 -9.22 25.75
C LYS B 312 19.05 -9.70 25.80
N ARG B 313 18.59 -10.38 24.75
CA ARG B 313 17.20 -10.84 24.64
C ARG B 313 17.17 -12.33 24.32
N LYS B 314 17.93 -13.12 25.08
CA LYS B 314 17.99 -14.56 24.85
C LYS B 314 16.65 -15.25 25.10
N ASP B 315 15.73 -14.60 25.81
CA ASP B 315 14.44 -15.18 26.12
C ASP B 315 13.39 -14.95 25.04
N THR B 316 13.73 -14.21 23.99
CA THR B 316 12.76 -13.94 22.92
C THR B 316 13.36 -14.09 21.52
N LYS B 317 14.63 -14.44 21.39
CA LYS B 317 15.25 -14.62 20.08
C LYS B 317 16.35 -15.65 20.19
N GLU B 318 16.67 -16.28 19.05
CA GLU B 318 17.67 -17.33 19.00
C GLU B 318 18.67 -17.03 17.90
N ILE B 319 19.95 -17.28 18.18
CA ILE B 319 21.03 -17.08 17.24
C ILE B 319 21.56 -18.44 16.80
N TYR B 320 21.61 -18.66 15.48
CA TYR B 320 22.13 -19.89 14.92
C TYR B 320 23.56 -19.69 14.45
N THR B 321 24.46 -20.55 14.91
CA THR B 321 25.87 -20.49 14.58
C THR B 321 26.26 -21.74 13.82
N HIS B 322 26.94 -21.57 12.69
CA HIS B 322 27.36 -22.69 11.85
C HIS B 322 28.74 -22.39 11.28
N PHE B 323 29.66 -23.33 11.44
CA PHE B 323 31.01 -23.20 10.91
C PHE B 323 31.03 -23.74 9.48
N THR B 324 31.41 -22.89 8.53
CA THR B 324 31.41 -23.24 7.12
C THR B 324 32.79 -22.98 6.52
N CYS B 325 33.01 -23.54 5.34
CA CYS B 325 34.24 -23.35 4.59
C CYS B 325 33.87 -23.15 3.12
N ALA B 326 34.90 -23.08 2.27
CA ALA B 326 34.67 -22.91 0.83
C ALA B 326 34.03 -24.15 0.22
N THR B 327 34.35 -25.33 0.75
CA THR B 327 33.84 -26.59 0.21
C THR B 327 32.59 -27.08 0.93
N ASP B 328 32.08 -26.33 1.89
CA ASP B 328 30.87 -26.73 2.61
C ASP B 328 29.66 -26.64 1.70
N THR B 329 28.83 -27.69 1.71
CA THR B 329 27.65 -27.76 0.86
C THR B 329 26.35 -27.83 1.65
N LYS B 330 26.40 -27.77 2.98
CA LYS B 330 25.22 -27.82 3.82
C LYS B 330 24.77 -26.45 4.30
N ASN B 331 25.37 -25.38 3.77
CA ASN B 331 25.01 -24.03 4.22
C ASN B 331 23.56 -23.69 3.88
N VAL B 332 23.11 -24.05 2.68
CA VAL B 332 21.74 -23.76 2.30
C VAL B 332 20.77 -24.58 3.14
N GLN B 333 21.14 -25.80 3.52
CA GLN B 333 20.29 -26.60 4.41
C GLN B 333 20.17 -25.95 5.78
N PHE B 334 21.28 -25.39 6.29
CA PHE B 334 21.24 -24.72 7.59
C PHE B 334 20.33 -23.51 7.57
N VAL B 335 20.39 -22.72 6.48
CA VAL B 335 19.52 -21.56 6.36
C VAL B 335 18.06 -22.01 6.25
N PHE B 336 17.81 -23.05 5.46
CA PHE B 336 16.45 -23.56 5.31
C PHE B 336 15.92 -24.10 6.63
N ASP B 337 16.78 -24.78 7.40
CA ASP B 337 16.37 -25.27 8.71
C ASP B 337 16.06 -24.12 9.65
N ALA B 338 16.89 -23.07 9.63
CA ALA B 338 16.70 -21.94 10.54
C ALA B 338 15.39 -21.20 10.25
N VAL B 339 15.06 -21.00 8.97
CA VAL B 339 13.84 -20.28 8.62
C VAL B 339 12.59 -21.13 8.78
N THR B 340 12.74 -22.45 8.94
CA THR B 340 11.58 -23.31 9.14
C THR B 340 10.87 -22.97 10.46
N ASP B 341 11.65 -22.76 11.53
CA ASP B 341 11.05 -22.37 12.80
C ASP B 341 10.43 -20.98 12.72
N VAL B 342 10.98 -20.09 11.90
CA VAL B 342 10.37 -18.79 11.68
C VAL B 342 9.00 -18.95 11.04
N ILE B 343 8.90 -19.85 10.05
CA ILE B 343 7.60 -20.16 9.46
C ILE B 343 6.68 -20.78 10.51
N ILE B 344 7.22 -21.68 11.33
CA ILE B 344 6.45 -22.22 12.45
C ILE B 344 6.05 -21.11 13.39
N LYS B 345 6.96 -20.15 13.63
CA LYS B 345 6.65 -19.03 14.50
C LYS B 345 5.47 -18.22 13.98
N ASN B 346 5.44 -17.96 12.67
CA ASN B 346 4.36 -17.18 12.08
C ASN B 346 3.08 -17.99 11.97
N ASN B 347 3.19 -19.30 11.74
CA ASN B 347 2.00 -20.14 11.60
C ASN B 347 1.18 -20.17 12.89
N LEU B 348 1.86 -20.27 14.03
CA LEU B 348 1.14 -20.30 15.31
C LEU B 348 0.54 -18.93 15.62
N LYS B 349 1.20 -17.84 15.23
CA LYS B 349 0.65 -16.51 15.45
C LYS B 349 -0.60 -16.28 14.62
N ASP B 350 -0.70 -16.89 13.45
CA ASP B 350 -1.88 -16.74 12.61
C ASP B 350 -3.11 -17.33 13.27
N CYS B 351 -2.96 -18.47 13.93
CA CYS B 351 -4.07 -19.16 14.58
C CYS B 351 -4.24 -18.77 16.04
N GLY B 352 -3.45 -17.81 16.53
CA GLY B 352 -3.63 -17.27 17.87
C GLY B 352 -2.92 -18.02 18.98
N LEU B 353 -2.08 -18.99 18.66
CA LEU B 353 -1.35 -19.71 19.69
C LEU B 353 -0.18 -18.91 20.26
N PHE B 354 0.24 -17.85 19.57
CA PHE B 354 1.32 -17.00 20.07
C PHE B 354 0.86 -15.56 20.20
N ASP C 4 -38.56 -26.17 40.59
CA ASP C 4 -37.74 -27.07 41.40
C ASP C 4 -36.29 -26.60 41.41
N TRP C 5 -35.46 -27.28 42.22
CA TRP C 5 -34.04 -26.91 42.31
C TRP C 5 -33.33 -27.17 40.98
N LYS C 6 -33.67 -28.27 40.31
CA LYS C 6 -33.03 -28.57 39.03
C LYS C 6 -33.36 -27.51 37.99
N SER C 7 -34.61 -27.06 37.94
CA SER C 7 -34.99 -26.01 37.00
C SER C 7 -34.28 -24.71 37.31
N SER C 8 -34.19 -24.35 38.60
CA SER C 8 -33.53 -23.09 38.97
C SER C 8 -32.05 -23.11 38.63
N LEU C 9 -31.37 -24.22 38.89
CA LEU C 9 -29.96 -24.32 38.54
C LEU C 9 -29.74 -24.24 37.04
N ILE C 10 -30.60 -24.91 36.27
CA ILE C 10 -30.52 -24.81 34.81
C ILE C 10 -30.80 -23.39 34.35
N LEU C 11 -31.82 -22.76 34.94
CA LEU C 11 -32.19 -21.40 34.55
C LEU C 11 -31.06 -20.42 34.84
N MET C 12 -30.46 -20.53 36.02
CA MET C 12 -29.46 -19.55 36.45
C MET C 12 -28.23 -19.59 35.55
N ALA C 13 -27.78 -20.79 35.19
CA ALA C 13 -26.57 -20.92 34.38
C ALA C 13 -26.74 -20.35 32.97
N TYR C 14 -27.98 -20.22 32.49
CA TYR C 14 -28.21 -19.70 31.15
C TYR C 14 -27.97 -18.20 31.10
N ILE C 15 -28.35 -17.47 32.16
CA ILE C 15 -28.14 -16.03 32.19
C ILE C 15 -26.64 -15.72 32.28
N ILE C 16 -25.89 -16.53 33.01
CA ILE C 16 -24.45 -16.33 33.12
C ILE C 16 -23.79 -16.45 31.75
N ILE C 17 -24.16 -17.49 31.00
CA ILE C 17 -23.64 -17.63 29.64
C ILE C 17 -24.15 -16.51 28.75
N PHE C 18 -25.41 -16.09 28.93
CA PHE C 18 -25.98 -15.03 28.10
C PHE C 18 -25.29 -13.70 28.38
N LEU C 19 -25.05 -13.38 29.65
CA LEU C 19 -24.47 -12.08 29.99
C LEU C 19 -22.97 -12.01 29.72
N THR C 20 -22.26 -13.13 29.81
CA THR C 20 -20.83 -13.17 29.55
C THR C 20 -20.49 -13.72 28.17
N GLY C 21 -21.48 -14.12 27.39
CA GLY C 21 -21.23 -14.66 26.06
C GLY C 21 -21.57 -13.68 24.95
N LEU C 22 -22.69 -12.98 25.09
CA LEU C 22 -23.08 -12.01 24.07
C LEU C 22 -22.06 -10.89 23.89
N PRO C 23 -21.57 -10.20 24.94
CA PRO C 23 -20.57 -9.16 24.70
C PRO C 23 -19.26 -9.71 24.19
N ALA C 24 -18.73 -10.74 24.87
CA ALA C 24 -17.43 -11.28 24.48
C ALA C 24 -17.42 -11.76 23.05
N ASN C 25 -18.55 -12.25 22.55
CA ASN C 25 -18.64 -12.63 21.14
C ASN C 25 -18.67 -11.40 20.23
N LEU C 26 -19.16 -10.26 20.74
CA LEU C 26 -19.29 -9.08 19.91
C LEU C 26 -17.93 -8.50 19.53
N LEU C 27 -17.04 -8.34 20.52
CA LEU C 27 -15.68 -7.88 20.18
C LEU C 27 -14.90 -8.96 19.44
N ALA C 28 -15.21 -10.24 19.71
CA ALA C 28 -14.59 -11.31 18.95
C ALA C 28 -14.98 -11.25 17.49
N LEU C 29 -16.26 -10.97 17.20
CA LEU C 29 -16.72 -10.89 15.82
C LEU C 29 -16.11 -9.69 15.10
N ARG C 30 -16.13 -8.52 15.73
CA ARG C 30 -15.60 -7.33 15.09
C ARG C 30 -14.10 -7.43 14.86
N ALA C 31 -13.39 -8.17 15.71
CA ALA C 31 -11.96 -8.38 15.48
C ALA C 31 -11.73 -9.36 14.33
N PHE C 32 -12.54 -10.42 14.26
CA PHE C 32 -12.38 -11.41 13.20
C PHE C 32 -12.93 -10.93 11.87
N VAL C 33 -13.99 -10.11 11.89
CA VAL C 33 -14.53 -9.57 10.65
C VAL C 33 -13.50 -8.68 9.95
N GLY C 34 -12.83 -7.82 10.73
CA GLY C 34 -11.81 -6.95 10.14
C GLY C 34 -10.63 -7.73 9.60
N ARG C 35 -10.27 -8.83 10.26
CA ARG C 35 -9.13 -9.63 9.81
C ARG C 35 -9.39 -10.23 8.43
N VAL C 36 -10.62 -10.69 8.19
CA VAL C 36 -10.94 -11.26 6.88
C VAL C 36 -10.81 -10.20 5.78
N ARG C 37 -11.31 -8.98 6.05
CA ARG C 37 -11.18 -7.89 5.09
C ARG C 37 -9.75 -7.39 4.97
N GLN C 38 -8.88 -7.72 5.91
CA GLN C 38 -7.46 -7.36 5.82
C GLN C 38 -6.77 -8.22 4.77
N PRO C 39 -5.67 -7.74 4.19
CA PRO C 39 -4.97 -8.51 3.17
C PRO C 39 -4.45 -9.83 3.71
N GLN C 40 -4.43 -10.83 2.84
CA GLN C 40 -3.92 -12.18 3.11
C GLN C 40 -4.63 -12.82 4.30
N PRO C 41 -5.90 -13.18 4.17
CA PRO C 41 -6.60 -13.86 5.27
C PRO C 41 -6.30 -15.36 5.25
N ALA C 42 -5.82 -15.87 6.39
CA ALA C 42 -5.51 -17.28 6.51
C ALA C 42 -6.79 -18.10 6.62
N PRO C 43 -6.74 -19.38 6.24
CA PRO C 43 -7.93 -20.24 6.39
C PRO C 43 -8.42 -20.35 7.82
N VAL C 44 -7.52 -20.25 8.81
CA VAL C 44 -7.94 -20.32 10.20
C VAL C 44 -8.81 -19.12 10.56
N HIS C 45 -8.54 -17.94 9.99
CA HIS C 45 -9.34 -16.77 10.28
C HIS C 45 -10.78 -16.94 9.79
N ILE C 46 -10.95 -17.54 8.62
CA ILE C 46 -12.29 -17.81 8.12
C ILE C 46 -13.00 -18.82 9.03
N LEU C 47 -12.28 -19.86 9.46
CA LEU C 47 -12.86 -20.83 10.38
C LEU C 47 -13.19 -20.17 11.71
N LEU C 48 -12.31 -19.28 12.20
CA LEU C 48 -12.61 -18.55 13.43
C LEU C 48 -13.81 -17.62 13.24
N LEU C 49 -13.91 -16.98 12.07
CA LEU C 49 -15.07 -16.14 11.79
C LEU C 49 -16.35 -16.95 11.77
N SER C 50 -16.31 -18.14 11.13
CA SER C 50 -17.48 -19.00 11.10
C SER C 50 -17.83 -19.52 12.48
N LEU C 51 -16.80 -19.83 13.29
CA LEU C 51 -17.05 -20.30 14.65
C LEU C 51 -17.73 -19.22 15.48
N THR C 52 -17.30 -17.97 15.33
CA THR C 52 -17.93 -16.87 16.05
C THR C 52 -19.39 -16.69 15.62
N LEU C 53 -19.65 -16.80 14.33
CA LEU C 53 -21.03 -16.70 13.84
C LEU C 53 -21.90 -17.81 14.40
N ALA C 54 -21.38 -19.05 14.41
CA ALA C 54 -22.13 -20.15 14.99
C ALA C 54 -22.32 -19.96 16.50
N ASP C 55 -21.29 -19.48 17.20
CA ASP C 55 -21.43 -19.20 18.61
C ASP C 55 -22.42 -18.07 18.86
N LEU C 56 -22.36 -17.01 18.04
CA LEU C 56 -23.33 -15.92 18.16
C LEU C 56 -24.74 -16.42 17.83
N LEU C 57 -24.86 -17.32 16.86
CA LEU C 57 -26.16 -17.87 16.52
C LEU C 57 -26.78 -18.59 17.72
N LEU C 58 -25.98 -19.38 18.44
CA LEU C 58 -26.48 -20.07 19.61
C LEU C 58 -26.97 -19.10 20.69
N LEU C 59 -26.35 -17.93 20.78
CA LEU C 59 -26.74 -16.96 21.79
C LEU C 59 -28.06 -16.29 21.46
N LEU C 60 -28.42 -16.22 20.18
CA LEU C 60 -29.66 -15.55 19.79
C LEU C 60 -30.89 -16.26 20.33
N LEU C 61 -30.89 -17.59 20.29
CA LEU C 61 -32.02 -18.38 20.78
C LEU C 61 -31.85 -18.80 22.23
N LEU C 62 -30.79 -18.35 22.90
CA LEU C 62 -30.68 -18.58 24.33
C LEU C 62 -31.84 -18.02 25.14
N PRO C 63 -32.37 -16.83 24.87
CA PRO C 63 -33.58 -16.39 25.60
C PRO C 63 -34.75 -17.34 25.48
N PHE C 64 -34.88 -18.04 24.36
CA PHE C 64 -35.93 -19.05 24.25
C PHE C 64 -35.72 -20.17 25.26
N LYS C 65 -34.48 -20.60 25.46
CA LYS C 65 -34.19 -21.60 26.47
C LYS C 65 -34.43 -21.03 27.86
N ILE C 66 -34.10 -19.76 28.09
CA ILE C 66 -34.39 -19.13 29.37
C ILE C 66 -35.90 -19.07 29.62
N ILE C 67 -36.67 -18.68 28.58
CA ILE C 67 -38.11 -18.63 28.72
C ILE C 67 -38.68 -20.03 28.95
N GLU C 68 -38.10 -21.03 28.28
CA GLU C 68 -38.52 -22.41 28.51
C GLU C 68 -38.26 -22.84 29.94
N ALA C 69 -37.08 -22.50 30.48
CA ALA C 69 -36.75 -22.84 31.86
C ALA C 69 -37.50 -21.96 32.85
N ALA C 70 -37.93 -20.77 32.44
CA ALA C 70 -38.67 -19.90 33.35
C ALA C 70 -40.04 -20.49 33.69
N SER C 71 -40.67 -21.17 32.73
CA SER C 71 -41.99 -21.74 32.92
C SER C 71 -41.94 -23.15 33.49
N ASN C 72 -40.84 -23.51 34.18
CA ASN C 72 -40.66 -24.84 34.76
C ASN C 72 -40.79 -25.93 33.69
N PHE C 73 -40.04 -25.74 32.60
CA PHE C 73 -40.03 -26.67 31.47
C PHE C 73 -41.45 -26.86 30.89
N ARG C 74 -42.10 -25.75 30.59
CA ARG C 74 -43.40 -25.74 29.94
C ARG C 74 -43.36 -24.80 28.76
N TRP C 75 -43.95 -25.23 27.64
CA TRP C 75 -43.91 -24.47 26.39
C TRP C 75 -45.24 -23.75 26.21
N TYR C 76 -45.19 -22.41 26.12
CA TYR C 76 -46.36 -21.59 25.89
C TYR C 76 -46.33 -20.93 24.51
N LEU C 77 -45.47 -21.38 23.62
CA LEU C 77 -45.29 -20.82 22.29
C LEU C 77 -45.78 -21.78 21.22
N PRO C 78 -46.06 -21.28 20.02
CA PRO C 78 -46.49 -22.18 18.94
C PRO C 78 -45.42 -23.23 18.61
N LYS C 79 -45.90 -24.40 18.16
CA LYS C 79 -45.00 -25.50 17.86
C LYS C 79 -44.00 -25.16 16.76
N ILE C 80 -44.39 -24.31 15.82
CA ILE C 80 -43.48 -23.94 14.73
C ILE C 80 -42.29 -23.14 15.28
N VAL C 81 -42.53 -22.37 16.34
CA VAL C 81 -41.44 -21.60 16.95
C VAL C 81 -40.41 -22.53 17.57
N CYS C 82 -40.87 -23.52 18.34
CA CYS C 82 -39.95 -24.43 19.01
C CYS C 82 -39.15 -25.26 18.00
N ALA C 83 -39.81 -25.72 16.93
CA ALA C 83 -39.10 -26.48 15.91
C ALA C 83 -38.03 -25.63 15.24
N LEU C 84 -38.34 -24.36 14.95
CA LEU C 84 -37.32 -23.44 14.46
C LEU C 84 -36.27 -23.16 15.53
N THR C 85 -36.72 -23.02 16.79
CA THR C 85 -35.77 -22.79 17.89
C THR C 85 -34.82 -23.97 18.06
N GLY C 86 -35.37 -25.19 18.04
CA GLY C 86 -34.52 -26.36 18.19
C GLY C 86 -33.58 -26.57 17.03
N PHE C 87 -34.04 -26.31 15.81
CA PHE C 87 -33.21 -26.53 14.63
C PHE C 87 -31.99 -25.62 14.64
N GLY C 88 -32.20 -24.32 14.86
CA GLY C 88 -31.07 -23.40 14.85
C GLY C 88 -30.13 -23.62 16.02
N PHE C 89 -30.67 -23.95 17.18
CA PHE C 89 -29.83 -24.13 18.37
C PHE C 89 -28.95 -25.36 18.24
N TYR C 90 -29.53 -26.50 17.85
CA TYR C 90 -28.76 -27.73 17.80
C TYR C 90 -27.80 -27.74 16.60
N SER C 91 -28.14 -27.05 15.52
CA SER C 91 -27.23 -26.97 14.38
C SER C 91 -25.95 -26.22 14.75
N SER C 92 -26.07 -25.17 15.56
CA SER C 92 -24.90 -24.41 15.98
C SER C 92 -23.95 -25.25 16.82
N ILE C 93 -24.48 -26.16 17.64
CA ILE C 93 -23.63 -27.04 18.43
C ILE C 93 -22.81 -27.93 17.52
N TYR C 94 -23.45 -28.54 16.52
CA TYR C 94 -22.74 -29.43 15.60
C TYR C 94 -21.90 -28.64 14.61
N CYS C 95 -22.33 -27.44 14.22
CA CYS C 95 -21.50 -26.60 13.36
C CYS C 95 -20.21 -26.20 14.07
N SER C 96 -20.30 -25.84 15.35
CA SER C 96 -19.11 -25.47 16.10
C SER C 96 -18.19 -26.67 16.32
N THR C 97 -18.76 -27.88 16.41
CA THR C 97 -17.95 -29.08 16.59
C THR C 97 -17.03 -29.31 15.40
N TRP C 98 -17.55 -29.15 14.17
CA TRP C 98 -16.73 -29.37 12.99
C TRP C 98 -15.78 -28.21 12.73
N LEU C 99 -16.21 -26.98 13.02
CA LEU C 99 -15.33 -25.83 12.86
C LEU C 99 -14.15 -25.90 13.82
N LEU C 100 -14.39 -26.34 15.06
CA LEU C 100 -13.30 -26.54 16.01
C LEU C 100 -12.34 -27.62 15.53
N ALA C 101 -12.89 -28.71 14.96
CA ALA C 101 -12.04 -29.76 14.41
C ALA C 101 -11.22 -29.25 13.24
N GLY C 102 -11.82 -28.41 12.39
CA GLY C 102 -11.08 -27.82 11.29
C GLY C 102 -9.96 -26.91 11.75
N ILE C 103 -10.17 -26.20 12.87
CA ILE C 103 -9.12 -25.37 13.44
C ILE C 103 -7.96 -26.24 13.89
N SER C 104 -8.25 -27.37 14.52
CA SER C 104 -7.20 -28.28 14.97
C SER C 104 -6.39 -28.81 13.79
N ILE C 105 -7.04 -29.04 12.65
CA ILE C 105 -6.31 -29.46 11.45
C ILE C 105 -5.36 -28.37 11.00
N GLU C 106 -5.82 -27.12 11.00
CA GLU C 106 -4.96 -26.01 10.60
C GLU C 106 -3.77 -25.86 11.54
N ARG C 107 -4.00 -25.98 12.85
CA ARG C 107 -2.90 -25.88 13.80
C ARG C 107 -1.92 -27.03 13.63
N TYR C 108 -2.41 -28.24 13.41
CA TYR C 108 -1.52 -29.39 13.24
C TYR C 108 -0.70 -29.26 11.96
N LEU C 109 -1.31 -28.80 10.88
CA LEU C 109 -0.57 -28.62 9.62
C LEU C 109 0.47 -27.51 9.74
N GLY C 110 0.25 -26.54 10.62
CA GLY C 110 1.22 -25.48 10.79
C GLY C 110 2.53 -25.96 11.39
N VAL C 111 2.47 -26.94 12.29
CA VAL C 111 3.67 -27.46 12.92
C VAL C 111 4.23 -28.69 12.20
N ALA C 112 3.39 -29.47 11.53
CA ALA C 112 3.85 -30.67 10.86
C ALA C 112 4.52 -30.36 9.52
N PHE C 113 3.88 -29.54 8.70
CA PHE C 113 4.40 -29.15 7.39
C PHE C 113 4.30 -27.64 7.25
N PRO C 114 5.13 -26.89 7.99
CA PRO C 114 5.04 -25.43 7.92
C PRO C 114 5.31 -24.86 6.53
N VAL C 115 6.24 -25.47 5.78
CA VAL C 115 6.55 -24.97 4.44
C VAL C 115 5.40 -25.24 3.50
N GLN C 116 4.84 -26.45 3.54
CA GLN C 116 3.70 -26.78 2.68
C GLN C 116 2.47 -25.97 3.07
N TYR C 117 2.26 -25.78 4.37
CA TYR C 117 1.11 -24.99 4.84
C TYR C 117 1.20 -23.55 4.36
N LYS C 118 2.40 -22.95 4.45
CA LYS C 118 2.55 -21.56 4.04
C LYS C 118 2.36 -21.38 2.54
N LEU C 119 2.90 -22.31 1.74
CA LEU C 119 2.86 -22.19 0.29
C LEU C 119 1.49 -22.54 -0.30
N SER C 120 0.64 -23.25 0.45
CA SER C 120 -0.62 -23.74 -0.09
C SER C 120 -1.85 -23.13 0.56
N ARG C 121 -1.70 -22.36 1.64
CA ARG C 121 -2.87 -21.81 2.32
C ARG C 121 -3.51 -20.72 1.48
N ARG C 122 -4.83 -20.80 1.33
CA ARG C 122 -5.61 -19.79 0.62
C ARG C 122 -6.96 -19.66 1.30
N PRO C 123 -7.60 -18.50 1.21
CA PRO C 123 -8.92 -18.33 1.86
C PRO C 123 -10.00 -19.25 1.30
N LEU C 124 -9.81 -19.80 0.10
CA LEU C 124 -10.82 -20.69 -0.48
C LEU C 124 -10.98 -21.95 0.35
N TYR C 125 -9.88 -22.51 0.86
CA TYR C 125 -9.96 -23.72 1.67
C TYR C 125 -10.76 -23.48 2.95
N GLY C 126 -10.56 -22.32 3.58
CA GLY C 126 -11.33 -21.99 4.76
C GLY C 126 -12.82 -21.86 4.46
N VAL C 127 -13.15 -21.26 3.32
CA VAL C 127 -14.56 -21.13 2.93
C VAL C 127 -15.16 -22.51 2.67
N ILE C 128 -14.44 -23.38 1.98
CA ILE C 128 -14.93 -24.73 1.69
C ILE C 128 -15.14 -25.50 2.99
N ALA C 129 -14.18 -25.43 3.91
CA ALA C 129 -14.32 -26.12 5.19
C ALA C 129 -15.49 -25.56 5.99
N ALA C 130 -15.66 -24.25 6.00
CA ALA C 130 -16.79 -23.64 6.69
C ALA C 130 -18.11 -24.03 6.03
N LEU C 131 -18.15 -24.05 4.69
CA LEU C 131 -19.37 -24.44 4.00
C LEU C 131 -19.71 -25.91 4.25
N VAL C 132 -18.69 -26.77 4.28
CA VAL C 132 -18.93 -28.20 4.52
C VAL C 132 -19.53 -28.40 5.91
N ALA C 133 -18.97 -27.72 6.92
CA ALA C 133 -19.51 -27.83 8.27
C ALA C 133 -20.92 -27.28 8.34
N TRP C 134 -21.20 -26.18 7.63
CA TRP C 134 -22.52 -25.57 7.68
C TRP C 134 -23.57 -26.48 7.06
N VAL C 135 -23.31 -27.00 5.86
CA VAL C 135 -24.31 -27.81 5.18
C VAL C 135 -24.50 -29.16 5.87
N MET C 136 -23.42 -29.74 6.41
CA MET C 136 -23.54 -31.04 7.06
C MET C 136 -24.31 -30.93 8.38
N SER C 137 -24.04 -29.88 9.16
CA SER C 137 -24.77 -29.69 10.41
C SER C 137 -26.23 -29.32 10.14
N PHE C 138 -26.47 -28.44 9.16
CA PHE C 138 -27.85 -28.04 8.85
C PHE C 138 -28.66 -29.22 8.33
N GLY C 139 -28.09 -30.02 7.44
CA GLY C 139 -28.83 -31.14 6.87
C GLY C 139 -29.17 -32.21 7.90
N HIS C 140 -28.23 -32.49 8.80
CA HIS C 140 -28.45 -33.53 9.80
C HIS C 140 -29.43 -33.07 10.88
N CYS C 141 -29.47 -31.78 11.16
CA CYS C 141 -30.31 -31.24 12.23
C CYS C 141 -31.72 -30.91 11.78
N THR C 142 -32.07 -31.20 10.51
CA THR C 142 -33.43 -31.00 10.05
C THR C 142 -34.41 -31.97 10.71
N ILE C 143 -33.93 -32.98 11.42
CA ILE C 143 -34.81 -33.95 12.07
C ILE C 143 -35.67 -33.28 13.12
N VAL C 144 -35.20 -32.17 13.70
CA VAL C 144 -36.00 -31.46 14.69
C VAL C 144 -37.28 -30.92 14.06
N ILE C 145 -37.17 -30.30 12.88
CA ILE C 145 -38.34 -29.81 12.18
C ILE C 145 -39.19 -30.97 11.65
N ILE C 146 -38.53 -32.01 11.15
CA ILE C 146 -39.26 -33.14 10.57
C ILE C 146 -40.09 -33.85 11.63
N VAL C 147 -39.50 -34.07 12.81
CA VAL C 147 -40.23 -34.76 13.88
C VAL C 147 -41.36 -33.88 14.40
N GLN C 148 -41.09 -32.60 14.61
CA GLN C 148 -42.10 -31.68 15.10
C GLN C 148 -43.08 -31.28 13.99
N THR C 163 -44.71 -28.72 26.95
CA THR C 163 -43.37 -29.26 26.71
C THR C 163 -43.17 -29.56 25.23
N CYS C 164 -42.14 -28.98 24.64
CA CYS C 164 -41.78 -29.21 23.25
C CYS C 164 -40.40 -29.86 23.18
N TYR C 165 -40.21 -30.71 22.18
CA TYR C 165 -39.02 -31.55 22.06
C TYR C 165 -38.80 -32.33 23.35
N GLU C 166 -39.77 -33.18 23.66
CA GLU C 166 -39.82 -33.89 24.94
C GLU C 166 -40.25 -35.32 24.66
N ASN C 167 -40.68 -36.03 25.69
CA ASN C 167 -41.00 -37.45 25.59
C ASN C 167 -42.01 -37.72 24.48
N PHE C 168 -41.68 -38.70 23.64
CA PHE C 168 -42.56 -39.19 22.59
C PHE C 168 -43.11 -40.54 23.00
N THR C 169 -44.29 -40.89 22.48
CA THR C 169 -45.03 -42.02 23.03
C THR C 169 -44.50 -43.36 22.50
N ASP C 170 -44.68 -43.63 21.21
CA ASP C 170 -44.20 -44.88 20.64
C ASP C 170 -43.57 -44.78 19.26
N GLU C 171 -43.90 -43.76 18.46
CA GLU C 171 -43.48 -43.76 17.06
C GLU C 171 -42.20 -42.98 16.83
N GLN C 172 -42.10 -41.77 17.38
CA GLN C 172 -40.88 -40.98 17.20
C GLN C 172 -39.72 -41.60 17.96
N LEU C 173 -40.00 -42.41 18.99
CA LEU C 173 -38.92 -43.08 19.71
C LEU C 173 -38.14 -44.01 18.79
N ASP C 174 -38.83 -44.75 17.92
CA ASP C 174 -38.17 -45.59 16.94
C ASP C 174 -37.52 -44.78 15.82
N VAL C 175 -37.78 -43.48 15.76
CA VAL C 175 -37.26 -42.62 14.70
C VAL C 175 -36.11 -41.75 15.19
N VAL C 176 -36.29 -41.04 16.31
CA VAL C 176 -35.28 -40.11 16.77
C VAL C 176 -34.04 -40.84 17.27
N LEU C 177 -34.22 -41.97 17.96
CA LEU C 177 -33.08 -42.68 18.54
C LEU C 177 -32.10 -43.17 17.49
N PRO C 178 -32.52 -43.81 16.39
CA PRO C 178 -31.54 -44.09 15.32
C PRO C 178 -30.90 -42.84 14.75
N VAL C 179 -31.64 -41.75 14.66
CA VAL C 179 -31.07 -40.49 14.18
C VAL C 179 -30.10 -39.92 15.22
N ARG C 180 -30.49 -39.95 16.50
CA ARG C 180 -29.61 -39.46 17.55
C ARG C 180 -28.33 -40.28 17.63
N LEU C 181 -28.44 -41.60 17.50
CA LEU C 181 -27.25 -42.44 17.48
C LEU C 181 -26.37 -42.11 16.29
N GLU C 182 -26.97 -41.91 15.11
CA GLU C 182 -26.19 -41.50 13.94
C GLU C 182 -25.61 -40.11 14.11
N LEU C 183 -26.31 -39.23 14.86
CA LEU C 183 -25.77 -37.91 15.12
C LEU C 183 -24.49 -37.99 15.95
N CYS C 184 -24.47 -38.87 16.96
CA CYS C 184 -23.29 -39.00 17.81
C CYS C 184 -22.11 -39.59 17.04
N LEU C 185 -22.38 -40.56 16.17
CA LEU C 185 -21.29 -41.23 15.46
C LEU C 185 -20.73 -40.35 14.35
N VAL C 186 -21.56 -39.98 13.38
CA VAL C 186 -21.07 -39.27 12.20
C VAL C 186 -20.67 -37.84 12.55
N LEU C 187 -21.55 -37.12 13.26
CA LEU C 187 -21.35 -35.69 13.44
C LEU C 187 -20.43 -35.35 14.61
N PHE C 188 -20.20 -36.28 15.52
CA PHE C 188 -19.37 -35.98 16.70
C PHE C 188 -18.12 -36.83 16.80
N PHE C 189 -18.22 -38.14 16.62
CA PHE C 189 -17.05 -39.01 16.79
C PHE C 189 -16.04 -38.82 15.68
N ILE C 190 -16.43 -38.30 14.52
CA ILE C 190 -15.48 -38.03 13.45
C ILE C 190 -14.68 -36.77 13.78
N PRO C 191 -15.31 -35.63 14.12
CA PRO C 191 -14.51 -34.49 14.60
C PRO C 191 -13.76 -34.79 15.88
N MET C 192 -14.32 -35.60 16.78
CA MET C 192 -13.63 -35.94 18.03
C MET C 192 -12.35 -36.69 17.75
N ALA C 193 -12.38 -37.65 16.83
CA ALA C 193 -11.17 -38.37 16.45
C ALA C 193 -10.17 -37.43 15.78
N VAL C 194 -10.66 -36.55 14.91
CA VAL C 194 -9.79 -35.59 14.23
C VAL C 194 -9.18 -34.63 15.23
N THR C 195 -10.00 -34.08 16.13
CA THR C 195 -9.50 -33.13 17.11
C THR C 195 -8.47 -33.75 18.04
N ILE C 196 -8.72 -34.98 18.50
CA ILE C 196 -7.76 -35.66 19.37
C ILE C 196 -6.48 -35.97 18.61
N PHE C 197 -6.61 -36.47 17.37
CA PHE C 197 -5.43 -36.81 16.59
C PHE C 197 -4.59 -35.58 16.29
N CYS C 198 -5.23 -34.46 15.93
CA CYS C 198 -4.48 -33.26 15.58
C CYS C 198 -3.80 -32.66 16.80
N TYR C 199 -4.49 -32.60 17.94
CA TYR C 199 -3.91 -31.99 19.12
C TYR C 199 -2.88 -32.88 19.80
N TRP C 200 -3.05 -34.20 19.71
CA TRP C 200 -2.07 -35.11 20.31
C TRP C 200 -0.71 -34.97 19.65
N ARG C 201 -0.68 -34.89 18.32
CA ARG C 201 0.59 -34.69 17.63
C ARG C 201 1.08 -33.26 17.75
N PHE C 202 0.17 -32.29 17.88
CA PHE C 202 0.60 -30.91 18.06
C PHE C 202 1.37 -30.73 19.36
N VAL C 203 0.89 -31.34 20.44
CA VAL C 203 1.60 -31.25 21.72
C VAL C 203 2.93 -31.98 21.64
N TRP C 204 2.94 -33.17 21.02
CA TRP C 204 4.18 -33.93 20.89
C TRP C 204 5.21 -33.18 20.05
N ILE C 205 4.76 -32.55 18.96
CA ILE C 205 5.68 -31.80 18.11
C ILE C 205 6.22 -30.58 18.85
N MET C 206 5.33 -29.85 19.55
CA MET C 206 5.76 -28.65 20.24
C MET C 206 6.74 -28.95 21.37
N LEU C 207 6.49 -30.04 22.12
CA LEU C 207 7.36 -30.38 23.24
C LEU C 207 8.76 -30.73 22.76
N THR C 208 8.87 -31.48 21.66
CA THR C 208 10.16 -31.92 21.15
C THR C 208 10.78 -30.94 20.15
N GLN C 209 10.13 -29.81 19.89
CA GLN C 209 10.71 -28.81 19.00
C GLN C 209 11.89 -28.13 19.68
N PRO C 210 13.08 -28.17 19.09
CA PRO C 210 14.26 -27.67 19.81
C PRO C 210 14.35 -26.15 19.88
N HIS C 211 13.92 -25.45 18.83
CA HIS C 211 14.20 -24.02 18.68
C HIS C 211 12.98 -23.15 18.97
N VAL C 212 12.19 -23.52 19.98
CA VAL C 212 11.07 -22.72 20.44
C VAL C 212 11.36 -22.24 21.86
N GLY C 213 11.03 -20.98 22.14
CA GLY C 213 11.28 -20.44 23.45
C GLY C 213 10.53 -21.21 24.53
N ALA C 214 11.20 -21.36 25.69
CA ALA C 214 10.64 -22.17 26.77
C ALA C 214 9.33 -21.57 27.29
N GLN C 215 9.29 -20.25 27.47
CA GLN C 215 8.09 -19.61 28.00
C GLN C 215 6.91 -19.75 27.04
N ARG C 216 7.16 -19.53 25.75
CA ARG C 216 6.09 -19.61 24.76
C ARG C 216 5.71 -21.05 24.42
N ARG C 217 6.63 -21.99 24.60
CA ARG C 217 6.30 -23.40 24.34
C ARG C 217 5.22 -23.89 25.29
N ARG C 218 5.29 -23.51 26.56
CA ARG C 218 4.25 -23.89 27.51
C ARG C 218 2.91 -23.26 27.14
N ARG C 219 2.93 -22.02 26.65
CA ARG C 219 1.69 -21.36 26.27
C ARG C 219 1.00 -22.08 25.13
N ALA C 220 1.75 -22.51 24.11
CA ALA C 220 1.16 -23.24 23.00
C ALA C 220 0.62 -24.60 23.46
N VAL C 221 1.37 -25.31 24.30
CA VAL C 221 0.92 -26.61 24.79
C VAL C 221 -0.29 -26.44 25.69
N GLY C 222 -0.25 -25.44 26.59
CA GLY C 222 -1.36 -25.23 27.50
C GLY C 222 -2.64 -24.82 26.78
N LEU C 223 -2.51 -23.93 25.79
CA LEU C 223 -3.68 -23.52 25.02
C LEU C 223 -4.27 -24.69 24.23
N ALA C 224 -3.40 -25.53 23.66
CA ALA C 224 -3.87 -26.70 22.93
C ALA C 224 -4.59 -27.68 23.85
N VAL C 225 -4.07 -27.88 25.06
CA VAL C 225 -4.67 -28.83 25.99
C VAL C 225 -6.05 -28.34 26.45
N VAL C 226 -6.16 -27.05 26.79
CA VAL C 226 -7.43 -26.53 27.29
C VAL C 226 -8.49 -26.51 26.19
N THR C 227 -8.09 -26.28 24.93
CA THR C 227 -9.04 -26.34 23.83
C THR C 227 -9.58 -27.75 23.66
N LEU C 228 -8.71 -28.76 23.76
CA LEU C 228 -9.16 -30.14 23.67
C LEU C 228 -10.06 -30.50 24.84
N LEU C 229 -9.72 -30.04 26.05
CA LEU C 229 -10.56 -30.31 27.21
C LEU C 229 -11.92 -29.64 27.07
N ASN C 230 -11.95 -28.41 26.54
CA ASN C 230 -13.22 -27.73 26.32
C ASN C 230 -14.08 -28.49 25.32
N PHE C 231 -13.46 -29.02 24.26
CA PHE C 231 -14.21 -29.80 23.28
C PHE C 231 -14.80 -31.06 23.90
N LEU C 232 -14.03 -31.74 24.75
CA LEU C 232 -14.51 -32.98 25.36
C LEU C 232 -15.53 -32.70 26.45
N VAL C 233 -15.30 -31.66 27.26
CA VAL C 233 -16.21 -31.37 28.37
C VAL C 233 -17.55 -30.84 27.89
N CYS C 234 -17.57 -29.95 26.91
CA CYS C 234 -18.80 -29.32 26.45
C CYS C 234 -19.61 -30.19 25.51
N PHE C 235 -18.97 -30.83 24.53
CA PHE C 235 -19.66 -31.63 23.54
C PHE C 235 -19.70 -33.11 23.90
N GLY C 236 -19.20 -33.50 25.07
CA GLY C 236 -19.16 -34.88 25.46
C GLY C 236 -20.49 -35.42 25.96
N PRO C 237 -20.99 -34.87 27.07
CA PRO C 237 -22.23 -35.40 27.65
C PRO C 237 -23.43 -35.34 26.72
N TYR C 238 -23.49 -34.34 25.84
CA TYR C 238 -24.63 -34.23 24.92
C TYR C 238 -24.68 -35.42 23.97
N ASN C 239 -23.53 -35.84 23.43
CA ASN C 239 -23.51 -36.94 22.48
C ASN C 239 -23.51 -38.30 23.15
N VAL C 240 -23.02 -38.38 24.39
CA VAL C 240 -23.11 -39.64 25.13
C VAL C 240 -24.56 -39.98 25.41
N SER C 241 -25.41 -38.98 25.67
CA SER C 241 -26.83 -39.22 25.89
C SER C 241 -27.48 -39.90 24.70
N HIS C 242 -27.00 -39.61 23.48
CA HIS C 242 -27.51 -40.31 22.31
C HIS C 242 -27.21 -41.80 22.38
N LEU C 243 -26.00 -42.15 22.79
CA LEU C 243 -25.67 -43.56 22.97
C LEU C 243 -26.43 -44.17 24.14
N VAL C 244 -26.56 -43.42 25.24
CA VAL C 244 -27.26 -43.93 26.42
C VAL C 244 -28.75 -44.10 26.11
N GLY C 245 -29.34 -43.13 25.40
CA GLY C 245 -30.76 -43.23 25.10
C GLY C 245 -31.09 -44.40 24.19
N PHE C 246 -30.23 -44.68 23.22
CA PHE C 246 -30.47 -45.80 22.32
C PHE C 246 -30.43 -47.12 23.07
N TYR C 247 -29.49 -47.25 24.02
CA TYR C 247 -29.34 -48.51 24.75
C TYR C 247 -30.59 -48.83 25.57
N GLN C 248 -31.16 -47.83 26.23
CA GLN C 248 -32.35 -48.03 27.06
C GLN C 248 -33.65 -47.82 26.30
N ARG C 249 -33.57 -47.42 25.02
CA ARG C 249 -34.76 -47.17 24.20
C ARG C 249 -35.67 -46.11 24.82
N LYS C 250 -35.09 -45.14 25.52
CA LYS C 250 -35.84 -44.05 26.12
C LYS C 250 -35.01 -42.78 26.06
N SER C 251 -35.69 -41.65 25.95
CA SER C 251 -34.99 -40.37 25.92
C SER C 251 -34.36 -40.09 27.27
N PRO C 252 -33.07 -39.76 27.34
CA PRO C 252 -32.43 -39.52 28.64
C PRO C 252 -33.04 -38.31 29.34
N TRP C 253 -33.19 -38.43 30.66
CA TRP C 253 -33.72 -37.32 31.44
C TRP C 253 -32.69 -36.22 31.65
N TRP C 254 -31.40 -36.59 31.66
CA TRP C 254 -30.32 -35.64 31.90
C TRP C 254 -29.85 -34.95 30.63
N ARG C 255 -30.66 -34.97 29.57
CA ARG C 255 -30.29 -34.28 28.34
C ARG C 255 -30.21 -32.78 28.54
N SER C 256 -31.14 -32.21 29.33
CA SER C 256 -31.20 -30.77 29.49
C SER C 256 -29.94 -30.21 30.14
N ILE C 257 -29.44 -30.87 31.19
CA ILE C 257 -28.21 -30.40 31.83
C ILE C 257 -27.01 -30.56 30.92
N ALA C 258 -26.99 -31.63 30.12
CA ALA C 258 -25.88 -31.84 29.19
C ALA C 258 -25.86 -30.75 28.11
N VAL C 259 -27.04 -30.25 27.73
CA VAL C 259 -27.11 -29.17 26.75
C VAL C 259 -26.47 -27.89 27.30
N VAL C 260 -26.64 -27.64 28.60
CA VAL C 260 -26.07 -26.44 29.21
C VAL C 260 -24.56 -26.41 29.04
N PHE C 261 -23.90 -27.57 29.16
CA PHE C 261 -22.47 -27.64 28.94
C PHE C 261 -22.11 -27.30 27.49
N SER C 262 -22.93 -27.75 26.53
CA SER C 262 -22.67 -27.45 25.13
C SER C 262 -22.77 -25.95 24.87
N SER C 263 -23.77 -25.28 25.47
CA SER C 263 -23.91 -23.84 25.31
C SER C 263 -22.79 -23.07 26.02
N LEU C 264 -22.11 -23.70 26.97
CA LEU C 264 -21.02 -23.03 27.67
C LEU C 264 -19.84 -22.76 26.75
N ASN C 265 -19.64 -23.61 25.73
CA ASN C 265 -18.54 -23.39 24.79
C ASN C 265 -18.73 -22.11 23.98
N ALA C 266 -19.98 -21.70 23.76
CA ALA C 266 -20.25 -20.47 23.02
C ALA C 266 -19.72 -19.24 23.74
N SER C 267 -19.54 -19.31 25.05
CA SER C 267 -19.02 -18.19 25.82
C SER C 267 -17.51 -18.27 26.07
N LEU C 268 -16.96 -19.47 26.22
CA LEU C 268 -15.53 -19.62 26.45
C LEU C 268 -14.71 -19.50 25.18
N ASP C 269 -15.32 -19.65 24.00
CA ASP C 269 -14.58 -19.53 22.75
C ASP C 269 -13.94 -18.17 22.57
N PRO C 270 -14.64 -17.05 22.78
CA PRO C 270 -13.94 -15.74 22.71
C PRO C 270 -12.80 -15.63 23.72
N LEU C 271 -12.94 -16.24 24.90
CA LEU C 271 -11.86 -16.23 25.88
C LEU C 271 -10.67 -17.04 25.38
N LEU C 272 -10.93 -18.16 24.68
CA LEU C 272 -9.85 -19.00 24.21
C LEU C 272 -9.01 -18.31 23.14
N PHE C 273 -9.62 -17.44 22.33
CA PHE C 273 -8.92 -16.70 21.29
C PHE C 273 -8.81 -15.22 21.64
N TYR C 274 -8.81 -14.89 22.93
CA TYR C 274 -8.60 -13.52 23.37
C TYR C 274 -7.12 -13.19 23.48
N PHE C 275 -6.36 -13.99 24.22
CA PHE C 275 -4.92 -13.81 24.37
C PHE C 275 -4.27 -15.10 24.85
N ASN D 5 47.59 16.59 6.81
CA ASN D 5 48.29 16.52 5.53
C ASN D 5 47.72 17.54 4.54
N THR D 6 47.98 17.31 3.25
CA THR D 6 47.50 18.23 2.22
C THR D 6 45.97 18.29 2.19
N ALA D 7 45.33 17.12 2.30
CA ALA D 7 43.86 17.08 2.28
C ALA D 7 43.28 17.83 3.48
N SER D 8 43.89 17.66 4.66
CA SER D 8 43.39 18.35 5.85
C SER D 8 43.49 19.86 5.70
N ILE D 9 44.61 20.34 5.16
CA ILE D 9 44.77 21.78 4.93
C ILE D 9 43.76 22.27 3.89
N ALA D 10 43.58 21.50 2.81
CA ALA D 10 42.62 21.89 1.79
C ALA D 10 41.20 21.91 2.33
N GLN D 11 40.85 20.91 3.15
CA GLN D 11 39.52 20.88 3.75
C GLN D 11 39.31 22.08 4.68
N ALA D 12 40.31 22.41 5.48
CA ALA D 12 40.21 23.57 6.35
C ALA D 12 40.13 24.86 5.53
N ARG D 13 40.88 24.95 4.44
CA ARG D 13 40.83 26.14 3.60
C ARG D 13 39.45 26.33 2.99
N LYS D 14 38.83 25.25 2.52
CA LYS D 14 37.49 25.34 1.96
C LYS D 14 36.48 25.80 2.99
N LEU D 15 36.61 25.30 4.23
CA LEU D 15 35.70 25.73 5.30
C LEU D 15 35.88 27.22 5.60
N VAL D 16 37.13 27.69 5.59
CA VAL D 16 37.39 29.10 5.86
C VAL D 16 36.75 29.98 4.80
N GLU D 17 36.90 29.61 3.53
CA GLU D 17 36.31 30.40 2.45
C GLU D 17 34.78 30.39 2.53
N GLN D 18 34.20 29.24 2.88
CA GLN D 18 32.74 29.19 3.05
C GLN D 18 32.29 30.02 4.23
N LEU D 19 33.04 29.98 5.34
CA LEU D 19 32.65 30.70 6.54
C LEU D 19 32.66 32.21 6.32
N LYS D 20 33.70 32.73 5.64
CA LYS D 20 33.80 34.17 5.44
C LYS D 20 32.71 34.69 4.52
N MET D 21 32.28 33.88 3.53
CA MET D 21 31.20 34.30 2.65
C MET D 21 29.89 34.41 3.41
N GLU D 22 29.65 33.50 4.36
CA GLU D 22 28.43 33.57 5.17
C GLU D 22 28.47 34.71 6.19
N ALA D 23 29.68 35.15 6.57
CA ALA D 23 29.78 36.20 7.58
C ALA D 23 29.40 37.56 7.03
N ASN D 24 29.86 37.88 5.82
CA ASN D 24 29.66 39.21 5.24
C ASN D 24 28.39 39.25 4.38
N ILE D 25 27.26 39.05 5.04
CA ILE D 25 25.95 39.15 4.40
C ILE D 25 25.11 40.14 5.20
N ASP D 26 24.10 40.71 4.54
CA ASP D 26 23.22 41.67 5.19
C ASP D 26 22.13 40.94 5.97
N ARG D 27 22.00 41.27 7.25
CA ARG D 27 21.02 40.67 8.13
C ARG D 27 20.04 41.74 8.60
N ILE D 28 18.75 41.50 8.38
CA ILE D 28 17.71 42.41 8.82
C ILE D 28 17.34 42.06 10.26
N LYS D 29 16.67 42.99 10.92
CA LYS D 29 16.25 42.78 12.30
C LYS D 29 15.20 41.68 12.37
N VAL D 30 15.19 40.96 13.50
CA VAL D 30 14.25 39.87 13.68
C VAL D 30 12.82 40.41 13.77
N SER D 31 12.64 41.55 14.44
CA SER D 31 11.31 42.14 14.56
C SER D 31 10.72 42.47 13.21
N LYS D 32 11.54 43.04 12.31
CA LYS D 32 11.07 43.29 10.95
C LYS D 32 10.73 42.00 10.23
N ALA D 33 11.58 40.98 10.37
CA ALA D 33 11.30 39.69 9.76
C ALA D 33 10.06 39.04 10.37
N ALA D 34 9.89 39.16 11.68
CA ALA D 34 8.70 38.61 12.33
C ALA D 34 7.44 39.27 11.84
N ALA D 35 7.47 40.59 11.64
CA ALA D 35 6.29 41.31 11.16
C ALA D 35 5.93 40.91 9.74
N ASP D 36 6.92 40.56 8.92
CA ASP D 36 6.64 40.13 7.54
C ASP D 36 5.82 38.85 7.53
N LEU D 37 6.15 37.89 8.41
CA LEU D 37 5.37 36.66 8.49
C LEU D 37 3.95 36.94 8.97
N MET D 38 3.80 37.86 9.94
CA MET D 38 2.48 38.21 10.44
C MET D 38 1.62 38.83 9.34
N ALA D 39 2.21 39.72 8.53
CA ALA D 39 1.45 40.39 7.49
C ALA D 39 0.94 39.41 6.45
N TYR D 40 1.78 38.46 6.04
CA TYR D 40 1.36 37.48 5.03
C TYR D 40 0.27 36.56 5.56
N CYS D 41 0.39 36.13 6.82
CA CYS D 41 -0.63 35.26 7.40
C CYS D 41 -1.97 35.97 7.48
N GLU D 42 -1.97 37.24 7.89
CA GLU D 42 -3.21 38.00 7.98
C GLU D 42 -3.79 38.27 6.59
N ALA D 43 -2.94 38.61 5.63
CA ALA D 43 -3.42 38.93 4.28
C ALA D 43 -4.06 37.72 3.61
N HIS D 44 -3.46 36.55 3.76
CA HIS D 44 -3.92 35.33 3.10
C HIS D 44 -4.70 34.41 4.02
N ALA D 45 -5.19 34.93 5.15
CA ALA D 45 -5.99 34.11 6.06
C ALA D 45 -7.31 33.70 5.43
N LYS D 46 -7.92 34.59 4.66
CA LYS D 46 -9.21 34.29 4.04
C LYS D 46 -9.10 33.15 3.04
N GLU D 47 -8.02 33.11 2.27
CA GLU D 47 -7.82 32.09 1.26
C GLU D 47 -7.16 30.83 1.81
N ASP D 48 -7.29 30.58 3.10
CA ASP D 48 -6.73 29.38 3.73
C ASP D 48 -7.86 28.48 4.21
N PRO D 49 -8.24 27.45 3.46
CA PRO D 49 -9.29 26.54 3.94
C PRO D 49 -8.95 25.84 5.23
N LEU D 50 -7.66 25.57 5.48
CA LEU D 50 -7.26 24.97 6.74
C LEU D 50 -7.56 25.90 7.91
N LEU D 51 -7.31 27.20 7.73
CA LEU D 51 -7.59 28.17 8.79
C LEU D 51 -9.09 28.34 8.99
N THR D 52 -9.78 28.79 7.95
CA THR D 52 -11.23 28.95 7.99
C THR D 52 -11.88 27.91 7.08
N PRO D 53 -12.49 26.87 7.63
CA PRO D 53 -13.10 25.83 6.78
C PRO D 53 -14.20 26.40 5.90
N VAL D 54 -14.27 25.90 4.67
CA VAL D 54 -15.27 26.32 3.71
C VAL D 54 -16.53 25.47 3.91
N PRO D 55 -17.70 25.94 3.49
CA PRO D 55 -18.90 25.11 3.60
C PRO D 55 -18.81 23.89 2.67
N ALA D 56 -19.64 22.90 2.98
CA ALA D 56 -19.63 21.65 2.24
C ALA D 56 -20.09 21.80 0.79
N SER D 57 -20.68 22.95 0.43
CA SER D 57 -21.10 23.16 -0.95
C SER D 57 -19.91 23.17 -1.91
N GLU D 58 -18.81 23.80 -1.50
CA GLU D 58 -17.62 23.91 -2.32
C GLU D 58 -16.47 23.04 -1.82
N ASN D 59 -16.80 21.92 -1.17
CA ASN D 59 -15.80 21.01 -0.66
C ASN D 59 -15.92 19.67 -1.38
N PRO D 60 -15.01 19.35 -2.32
CA PRO D 60 -15.08 18.03 -2.98
C PRO D 60 -14.94 16.86 -2.03
N PHE D 61 -14.17 17.01 -0.96
CA PHE D 61 -13.99 15.95 0.01
C PHE D 61 -15.09 15.96 1.06
N ASP E 39 5.21 2.98 -32.72
CA ASP E 39 4.27 3.20 -33.82
C ASP E 39 2.97 2.45 -33.59
N VAL E 40 1.93 3.17 -33.16
CA VAL E 40 0.62 2.56 -32.92
C VAL E 40 0.01 2.18 -34.26
N GLN E 41 -0.50 0.95 -34.35
CA GLN E 41 -1.08 0.44 -35.59
C GLN E 41 -2.29 -0.41 -35.27
N LEU E 42 -3.35 -0.24 -36.06
CA LEU E 42 -4.57 -1.04 -35.95
C LEU E 42 -4.99 -1.43 -37.36
N VAL E 43 -4.77 -2.69 -37.72
CA VAL E 43 -5.05 -3.19 -39.06
C VAL E 43 -6.34 -4.01 -39.02
N GLU E 44 -7.24 -3.72 -39.94
CA GLU E 44 -8.53 -4.41 -40.03
C GLU E 44 -8.53 -5.35 -41.23
N SER E 45 -8.99 -6.57 -41.01
CA SER E 45 -9.07 -7.56 -42.08
C SER E 45 -10.29 -8.44 -41.86
N GLY E 46 -10.76 -9.04 -42.93
CA GLY E 46 -11.90 -9.94 -42.87
C GLY E 46 -13.17 -9.34 -43.45
N GLY E 47 -13.05 -8.60 -44.54
CA GLY E 47 -14.20 -7.99 -45.17
C GLY E 47 -14.28 -8.37 -46.64
N GLY E 48 -15.50 -8.28 -47.16
CA GLY E 48 -15.75 -8.62 -48.55
C GLY E 48 -17.23 -8.73 -48.82
N LEU E 49 -17.54 -9.34 -49.96
CA LEU E 49 -18.93 -9.53 -50.35
C LEU E 49 -19.58 -10.61 -49.50
N VAL E 50 -20.73 -10.28 -48.91
CA VAL E 50 -21.47 -11.20 -48.04
C VAL E 50 -22.91 -11.25 -48.51
N GLN E 51 -23.45 -12.46 -48.64
CA GLN E 51 -24.85 -12.62 -48.96
C GLN E 51 -25.70 -12.26 -47.75
N PRO E 52 -26.94 -11.80 -47.95
CA PRO E 52 -27.81 -11.48 -46.82
C PRO E 52 -28.07 -12.69 -45.95
N GLY E 53 -28.13 -12.47 -44.64
CA GLY E 53 -28.32 -13.55 -43.70
C GLY E 53 -27.08 -14.38 -43.42
N GLY E 54 -25.92 -13.99 -43.95
CA GLY E 54 -24.70 -14.72 -43.74
C GLY E 54 -24.00 -14.34 -42.46
N SER E 55 -22.79 -14.87 -42.31
CA SER E 55 -21.98 -14.63 -41.12
C SER E 55 -20.57 -14.26 -41.53
N ARG E 56 -19.93 -13.40 -40.72
CA ARG E 56 -18.55 -13.00 -40.96
C ARG E 56 -17.94 -12.55 -39.64
N LYS E 57 -16.60 -12.48 -39.63
CA LYS E 57 -15.86 -12.06 -38.46
C LYS E 57 -14.81 -11.05 -38.89
N LEU E 58 -14.66 -9.98 -38.11
CA LEU E 58 -13.65 -8.95 -38.36
C LEU E 58 -12.53 -9.07 -37.34
N SER E 59 -11.30 -9.06 -37.82
CA SER E 59 -10.11 -9.13 -36.96
C SER E 59 -9.37 -7.81 -37.02
N CYS E 60 -9.13 -7.21 -35.85
CA CYS E 60 -8.39 -5.96 -35.73
C CYS E 60 -7.10 -6.24 -34.97
N SER E 61 -5.99 -6.28 -35.70
CA SER E 61 -4.69 -6.56 -35.10
C SER E 61 -4.11 -5.29 -34.49
N ALA E 62 -3.65 -5.39 -33.24
CA ALA E 62 -3.09 -4.27 -32.51
C ALA E 62 -1.59 -4.46 -32.35
N SER E 63 -0.83 -3.41 -32.69
CA SER E 63 0.61 -3.44 -32.56
C SER E 63 1.10 -2.06 -32.18
N GLY E 64 2.10 -2.02 -31.29
CA GLY E 64 2.72 -0.77 -30.89
C GLY E 64 2.16 -0.12 -29.63
N PHE E 65 1.27 -0.80 -28.92
CA PHE E 65 0.72 -0.26 -27.68
C PHE E 65 0.19 -1.39 -26.83
N ALA E 66 -0.05 -1.09 -25.55
CA ALA E 66 -0.57 -2.06 -24.60
C ALA E 66 -2.05 -2.28 -24.90
N PHE E 67 -2.33 -3.32 -25.68
CA PHE E 67 -3.70 -3.61 -26.07
C PHE E 67 -4.55 -4.09 -24.90
N SER E 68 -3.92 -4.71 -23.90
CA SER E 68 -4.66 -5.27 -22.78
C SER E 68 -5.33 -4.17 -21.96
N SER E 69 -4.66 -3.05 -21.76
CA SER E 69 -5.17 -1.97 -20.93
C SER E 69 -6.08 -1.00 -21.69
N PHE E 70 -6.29 -1.22 -22.99
CA PHE E 70 -7.07 -0.32 -23.82
C PHE E 70 -8.43 -0.96 -24.13
N GLY E 71 -9.50 -0.21 -23.87
CA GLY E 71 -10.80 -0.61 -24.36
C GLY E 71 -10.94 -0.36 -25.84
N MET E 72 -11.81 -1.14 -26.49
CA MET E 72 -11.96 -1.10 -27.93
C MET E 72 -13.41 -0.84 -28.30
N HIS E 73 -13.60 0.00 -29.33
CA HIS E 73 -14.91 0.32 -29.86
C HIS E 73 -14.97 -0.04 -31.34
N TRP E 74 -16.17 -0.37 -31.81
CA TRP E 74 -16.41 -0.61 -33.23
C TRP E 74 -17.30 0.51 -33.76
N VAL E 75 -16.83 1.20 -34.79
CA VAL E 75 -17.58 2.29 -35.43
C VAL E 75 -17.58 2.03 -36.93
N ARG E 76 -18.75 2.10 -37.54
CA ARG E 76 -18.89 1.90 -38.97
C ARG E 76 -19.36 3.19 -39.65
N GLN E 77 -18.98 3.35 -40.90
CA GLN E 77 -19.39 4.49 -41.72
C GLN E 77 -20.02 3.95 -43.00
N ALA E 78 -21.32 4.15 -43.14
CA ALA E 78 -22.01 3.74 -44.35
C ALA E 78 -21.53 4.58 -45.54
N PRO E 79 -21.60 4.04 -46.76
CA PRO E 79 -21.15 4.79 -47.93
C PRO E 79 -21.83 6.14 -48.07
N GLU E 80 -21.02 7.21 -48.13
CA GLU E 80 -21.52 8.58 -48.22
C GLU E 80 -22.46 8.91 -47.05
N LYS E 81 -22.12 8.44 -45.86
CA LYS E 81 -22.91 8.69 -44.67
C LYS E 81 -21.96 9.02 -43.52
N GLY E 82 -22.51 9.11 -42.31
CA GLY E 82 -21.74 9.46 -41.14
C GLY E 82 -21.35 8.26 -40.30
N LEU E 83 -20.66 8.55 -39.19
CA LEU E 83 -20.20 7.52 -38.28
C LEU E 83 -21.31 7.08 -37.34
N GLU E 84 -21.22 5.85 -36.85
CA GLU E 84 -22.16 5.32 -35.88
C GLU E 84 -21.47 4.25 -35.04
N TRP E 85 -21.68 4.31 -33.73
CA TRP E 85 -21.07 3.36 -32.81
C TRP E 85 -21.78 2.02 -32.86
N VAL E 86 -21.02 0.95 -32.69
CA VAL E 86 -21.56 -0.40 -32.80
C VAL E 86 -21.46 -1.12 -31.45
N ALA E 87 -20.24 -1.32 -30.96
CA ALA E 87 -20.04 -2.11 -29.76
C ALA E 87 -18.79 -1.62 -29.03
N TYR E 88 -18.71 -1.97 -27.76
CA TYR E 88 -17.59 -1.60 -26.90
C TYR E 88 -17.24 -2.75 -25.98
N ILE E 89 -15.94 -2.99 -25.80
CA ILE E 89 -15.44 -4.02 -24.90
C ILE E 89 -14.47 -3.37 -23.93
N SER E 90 -14.60 -3.70 -22.65
CA SER E 90 -13.77 -3.10 -21.62
C SER E 90 -12.36 -3.69 -21.66
N SER E 91 -11.48 -3.13 -20.83
CA SER E 91 -10.09 -3.61 -20.78
C SER E 91 -10.01 -5.06 -20.32
N GLY E 92 -10.78 -5.41 -19.28
CA GLY E 92 -10.82 -6.76 -18.77
C GLY E 92 -11.97 -7.60 -19.28
N SER E 93 -12.66 -7.16 -20.33
CA SER E 93 -13.79 -7.86 -20.94
C SER E 93 -14.98 -8.00 -19.99
N GLY E 94 -14.92 -7.39 -18.81
CA GLY E 94 -16.03 -7.48 -17.88
C GLY E 94 -17.26 -6.73 -18.37
N THR E 95 -17.06 -5.58 -19.01
CA THR E 95 -18.14 -4.73 -19.46
C THR E 95 -18.21 -4.76 -20.98
N ILE E 96 -19.37 -5.15 -21.51
CA ILE E 96 -19.60 -5.24 -22.95
C ILE E 96 -20.95 -4.60 -23.25
N TYR E 97 -20.99 -3.73 -24.25
CA TYR E 97 -22.22 -3.08 -24.69
C TYR E 97 -22.34 -3.15 -26.20
N TYR E 98 -23.58 -3.10 -26.68
CA TYR E 98 -23.88 -3.17 -28.10
C TYR E 98 -24.91 -2.10 -28.45
N ALA E 99 -24.90 -1.67 -29.71
CA ALA E 99 -25.92 -0.75 -30.18
C ALA E 99 -27.25 -1.47 -30.35
N ASP E 100 -28.34 -0.70 -30.31
CA ASP E 100 -29.67 -1.28 -30.42
C ASP E 100 -29.91 -1.90 -31.78
N THR E 101 -29.23 -1.40 -32.82
CA THR E 101 -29.40 -1.92 -34.16
C THR E 101 -28.60 -3.20 -34.42
N VAL E 102 -27.73 -3.60 -33.49
CA VAL E 102 -26.91 -4.79 -33.66
C VAL E 102 -26.97 -5.73 -32.46
N LYS E 103 -27.82 -5.44 -31.47
CA LYS E 103 -27.92 -6.30 -30.30
C LYS E 103 -28.45 -7.67 -30.69
N GLY E 104 -27.88 -8.72 -30.11
CA GLY E 104 -28.24 -10.08 -30.45
C GLY E 104 -27.56 -10.64 -31.68
N ARG E 105 -27.61 -9.91 -32.79
CA ARG E 105 -26.94 -10.36 -34.01
C ARG E 105 -25.42 -10.26 -33.87
N PHE E 106 -24.94 -9.19 -33.26
CA PHE E 106 -23.50 -8.91 -33.20
C PHE E 106 -22.96 -9.26 -31.82
N THR E 107 -21.76 -9.84 -31.80
CA THR E 107 -21.03 -10.07 -30.56
C THR E 107 -19.58 -9.65 -30.76
N ILE E 108 -18.97 -9.17 -29.69
CA ILE E 108 -17.62 -8.62 -29.74
C ILE E 108 -16.75 -9.37 -28.74
N SER E 109 -15.51 -9.64 -29.13
CA SER E 109 -14.56 -10.35 -28.27
C SER E 109 -13.16 -9.86 -28.58
N ARG E 110 -12.25 -10.08 -27.63
CA ARG E 110 -10.86 -9.68 -27.79
C ARG E 110 -9.95 -10.82 -27.34
N ASP E 111 -8.73 -10.83 -27.88
CA ASP E 111 -7.72 -11.82 -27.55
C ASP E 111 -6.47 -11.05 -27.10
N ASP E 112 -6.35 -10.83 -25.79
CA ASP E 112 -5.23 -10.06 -25.26
C ASP E 112 -3.87 -10.67 -25.56
N PRO E 113 -3.63 -11.98 -25.41
CA PRO E 113 -2.31 -12.52 -25.75
C PRO E 113 -1.91 -12.27 -27.20
N LYS E 114 -2.86 -12.33 -28.13
CA LYS E 114 -2.57 -12.12 -29.55
C LYS E 114 -2.80 -10.69 -29.99
N ASN E 115 -3.26 -9.81 -29.11
CA ASN E 115 -3.49 -8.39 -29.41
C ASN E 115 -4.42 -8.23 -30.62
N THR E 116 -5.49 -9.02 -30.63
CA THR E 116 -6.43 -9.04 -31.74
C THR E 116 -7.85 -8.85 -31.21
N LEU E 117 -8.62 -8.02 -31.90
CA LEU E 117 -10.01 -7.75 -31.57
C LEU E 117 -10.93 -8.43 -32.58
N PHE E 118 -11.97 -9.09 -32.08
CA PHE E 118 -12.89 -9.86 -32.91
C PHE E 118 -14.28 -9.24 -32.89
N LEU E 119 -14.99 -9.36 -34.01
CA LEU E 119 -16.38 -8.91 -34.13
C LEU E 119 -17.12 -9.92 -34.98
N GLN E 120 -17.77 -10.89 -34.33
CA GLN E 120 -18.52 -11.91 -35.05
C GLN E 120 -19.89 -11.35 -35.45
N MET E 121 -20.32 -11.68 -36.66
CA MET E 121 -21.55 -11.16 -37.23
C MET E 121 -22.48 -12.32 -37.58
N THR E 122 -23.77 -12.16 -37.27
CA THR E 122 -24.79 -13.14 -37.62
C THR E 122 -25.99 -12.41 -38.19
N SER E 123 -26.62 -13.02 -39.20
CA SER E 123 -27.79 -12.46 -39.87
C SER E 123 -27.50 -11.06 -40.40
N LEU E 124 -26.53 -10.99 -41.32
CA LEU E 124 -26.11 -9.72 -41.88
C LEU E 124 -27.19 -9.18 -42.82
N ARG E 125 -27.50 -7.90 -42.67
CA ARG E 125 -28.50 -7.21 -43.49
C ARG E 125 -27.83 -6.26 -44.46
N SER E 126 -28.63 -5.73 -45.39
CA SER E 126 -28.11 -4.77 -46.35
C SER E 126 -27.74 -3.44 -45.71
N GLU E 127 -28.26 -3.14 -44.53
CA GLU E 127 -27.93 -1.92 -43.83
C GLU E 127 -26.60 -1.99 -43.09
N ASP E 128 -25.98 -3.17 -43.03
CA ASP E 128 -24.69 -3.35 -42.37
C ASP E 128 -23.51 -3.04 -43.28
N THR E 129 -23.76 -2.71 -44.55
CA THR E 129 -22.69 -2.37 -45.48
C THR E 129 -22.07 -1.04 -45.08
N ALA E 130 -20.84 -1.08 -44.59
CA ALA E 130 -20.16 0.11 -44.11
C ALA E 130 -18.67 -0.21 -43.95
N MET E 131 -17.91 0.79 -43.52
CA MET E 131 -16.49 0.65 -43.23
C MET E 131 -16.31 0.61 -41.72
N TYR E 132 -15.92 -0.55 -41.20
CA TYR E 132 -15.83 -0.77 -39.76
C TYR E 132 -14.45 -0.36 -39.26
N TYR E 133 -14.43 0.44 -38.19
CA TYR E 133 -13.21 0.91 -37.55
C TYR E 133 -13.13 0.39 -36.13
N CYS E 134 -11.94 -0.07 -35.73
CA CYS E 134 -11.67 -0.43 -34.34
C CYS E 134 -10.93 0.74 -33.69
N VAL E 135 -11.52 1.29 -32.63
CA VAL E 135 -11.00 2.50 -31.97
C VAL E 135 -10.58 2.11 -30.57
N ARG E 136 -9.32 2.41 -30.23
CA ARG E 136 -8.83 2.20 -28.88
C ARG E 136 -9.30 3.32 -27.96
N SER E 137 -9.54 2.98 -26.70
CA SER E 137 -10.02 3.95 -25.72
C SER E 137 -9.57 3.53 -24.32
N ILE E 138 -8.95 4.46 -23.60
CA ILE E 138 -8.50 4.23 -22.23
C ILE E 138 -8.89 5.44 -21.40
N TYR E 139 -8.86 5.25 -20.08
CA TYR E 139 -9.04 6.37 -19.16
C TYR E 139 -7.80 7.26 -19.24
N TYR E 140 -7.93 8.39 -19.93
CA TYR E 140 -6.81 9.28 -20.17
C TYR E 140 -7.21 10.72 -19.85
N TYR E 141 -6.41 11.37 -19.01
CA TYR E 141 -6.61 12.78 -18.65
C TYR E 141 -8.01 13.02 -18.09
N GLY E 142 -8.49 12.09 -17.27
CA GLY E 142 -9.82 12.24 -16.70
C GLY E 142 -10.95 12.04 -17.67
N SER E 143 -10.71 11.36 -18.78
CA SER E 143 -11.75 11.13 -19.78
C SER E 143 -11.47 9.81 -20.48
N SER E 144 -12.22 9.52 -21.55
CA SER E 144 -12.07 8.29 -22.34
C SER E 144 -11.94 8.68 -23.80
N PRO E 145 -10.75 9.10 -24.22
CA PRO E 145 -10.58 9.59 -25.59
C PRO E 145 -10.65 8.46 -26.61
N PHE E 146 -10.81 8.88 -27.87
CA PHE E 146 -10.86 7.99 -29.02
C PHE E 146 -9.71 8.34 -29.96
N ASP E 147 -8.50 8.47 -29.39
CA ASP E 147 -7.40 9.13 -30.08
C ASP E 147 -7.03 8.42 -31.38
N PHE E 148 -6.92 7.10 -31.35
CA PHE E 148 -6.42 6.33 -32.48
C PHE E 148 -7.54 5.52 -33.12
N TRP E 149 -7.64 5.60 -34.44
CA TRP E 149 -8.60 4.84 -35.23
C TRP E 149 -7.88 3.97 -36.24
N GLY E 150 -8.46 2.81 -36.52
CA GLY E 150 -7.89 1.90 -37.50
C GLY E 150 -8.14 2.34 -38.93
N GLN E 151 -7.46 1.66 -39.86
CA GLN E 151 -7.61 1.98 -41.27
C GLN E 151 -9.01 1.68 -41.78
N GLY E 152 -9.61 0.58 -41.32
CA GLY E 152 -10.95 0.22 -41.73
C GLY E 152 -10.97 -0.89 -42.78
N THR E 153 -12.07 -1.62 -42.82
CA THR E 153 -12.28 -2.70 -43.76
C THR E 153 -13.63 -2.54 -44.44
N THR E 154 -13.74 -3.08 -45.65
CA THR E 154 -14.94 -2.95 -46.46
C THR E 154 -15.80 -4.19 -46.27
N LEU E 155 -17.05 -3.98 -45.83
CA LEU E 155 -18.05 -5.05 -45.72
C LEU E 155 -19.22 -4.68 -46.61
N THR E 156 -19.45 -5.49 -47.64
CA THR E 156 -20.54 -5.25 -48.59
C THR E 156 -21.54 -6.39 -48.50
N VAL E 157 -22.80 -6.04 -48.32
CA VAL E 157 -23.89 -7.01 -48.24
C VAL E 157 -24.85 -6.68 -49.39
N SER E 158 -24.65 -7.35 -50.53
CA SER E 158 -25.49 -7.11 -51.69
C SER E 158 -26.87 -7.71 -51.50
N SER E 159 -27.89 -6.99 -51.95
CA SER E 159 -29.26 -7.44 -51.84
C SER E 159 -30.02 -7.26 -53.15
N SER E 174 -34.88 8.03 -25.91
CA SER E 174 -33.95 8.02 -24.78
C SER E 174 -32.52 8.35 -25.23
N ASP E 175 -32.19 7.96 -26.45
CA ASP E 175 -30.86 8.21 -26.99
C ASP E 175 -30.65 9.71 -27.21
N ILE E 176 -29.46 10.18 -26.87
CA ILE E 176 -29.13 11.59 -27.06
C ILE E 176 -28.95 11.86 -28.56
N VAL E 177 -29.58 12.93 -29.04
CA VAL E 177 -29.54 13.30 -30.46
C VAL E 177 -28.62 14.50 -30.59
N MET E 178 -27.57 14.35 -31.38
CA MET E 178 -26.63 15.43 -31.67
C MET E 178 -26.96 16.01 -33.05
N THR E 179 -27.32 17.29 -33.09
CA THR E 179 -27.68 17.96 -34.32
C THR E 179 -26.53 18.85 -34.76
N GLN E 180 -26.16 18.74 -36.03
CA GLN E 180 -25.05 19.50 -36.60
C GLN E 180 -25.58 20.69 -37.39
N ALA E 181 -24.65 21.58 -37.76
CA ALA E 181 -24.97 22.75 -38.57
C ALA E 181 -25.10 22.32 -40.04
N THR E 182 -25.09 23.30 -40.94
CA THR E 182 -25.17 23.00 -42.37
C THR E 182 -24.06 22.05 -42.77
N SER E 183 -24.43 21.02 -43.56
CA SER E 183 -23.49 19.96 -43.89
C SER E 183 -22.31 20.45 -44.70
N SER E 184 -22.48 21.49 -45.49
CA SER E 184 -21.41 22.03 -46.32
C SER E 184 -21.24 23.52 -46.06
N VAL E 185 -20.00 23.94 -45.88
CA VAL E 185 -19.65 25.36 -45.74
C VAL E 185 -18.49 25.68 -46.67
N PRO E 186 -18.57 26.77 -47.44
CA PRO E 186 -17.46 27.14 -48.33
C PRO E 186 -16.43 27.98 -47.58
N VAL E 187 -15.18 27.53 -47.60
CA VAL E 187 -14.10 28.20 -46.88
C VAL E 187 -12.90 28.34 -47.81
N THR E 188 -12.03 29.29 -47.45
CA THR E 188 -10.78 29.54 -48.15
C THR E 188 -9.66 29.63 -47.11
N PRO E 189 -8.43 29.27 -47.49
CA PRO E 189 -7.33 29.34 -46.54
C PRO E 189 -7.13 30.77 -46.02
N GLY E 190 -6.79 30.87 -44.73
CA GLY E 190 -6.58 32.15 -44.08
C GLY E 190 -7.74 32.64 -43.26
N GLU E 191 -8.93 32.07 -43.42
CA GLU E 191 -10.11 32.50 -42.69
C GLU E 191 -10.32 31.65 -41.44
N SER E 192 -11.28 32.06 -40.62
CA SER E 192 -11.64 31.36 -39.40
C SER E 192 -13.02 30.74 -39.56
N VAL E 193 -13.14 29.46 -39.26
CA VAL E 193 -14.38 28.72 -39.42
C VAL E 193 -14.97 28.44 -38.04
N SER E 194 -16.30 28.34 -37.99
CA SER E 194 -17.02 28.09 -36.75
C SER E 194 -18.05 27.00 -37.02
N ILE E 195 -17.88 25.85 -36.40
CA ILE E 195 -18.78 24.71 -36.56
C ILE E 195 -19.58 24.56 -35.27
N SER E 196 -20.90 24.52 -35.39
CA SER E 196 -21.80 24.45 -34.24
C SER E 196 -22.25 23.02 -34.00
N CYS E 197 -22.78 22.80 -32.80
CA CYS E 197 -23.30 21.49 -32.41
C CYS E 197 -24.38 21.68 -31.37
N ARG E 198 -25.46 20.91 -31.51
CA ARG E 198 -26.58 20.95 -30.57
C ARG E 198 -26.85 19.55 -30.05
N SER E 199 -27.16 19.46 -28.75
CA SER E 199 -27.43 18.20 -28.09
C SER E 199 -28.82 18.21 -27.50
N SER E 200 -29.55 17.10 -27.67
CA SER E 200 -30.88 16.99 -27.10
C SER E 200 -30.84 17.06 -25.59
N LYS E 201 -29.88 16.37 -24.97
CA LYS E 201 -29.69 16.39 -23.53
C LYS E 201 -28.43 17.16 -23.18
N SER E 202 -28.43 17.74 -21.98
CA SER E 202 -27.27 18.51 -21.52
C SER E 202 -26.12 17.55 -21.21
N LEU E 203 -25.02 17.69 -21.95
CA LEU E 203 -23.85 16.84 -21.74
C LEU E 203 -23.08 17.21 -20.49
N LEU E 204 -23.38 18.33 -19.86
CA LEU E 204 -22.72 18.71 -18.62
C LEU E 204 -23.13 17.75 -17.50
N HIS E 205 -22.16 17.25 -16.77
CA HIS E 205 -22.38 16.29 -15.70
C HIS E 205 -22.21 16.96 -14.34
N SER E 206 -22.64 16.25 -13.29
CA SER E 206 -22.54 16.77 -11.94
C SER E 206 -21.09 16.94 -11.48
N ASN E 207 -20.14 16.27 -12.13
CA ASN E 207 -18.74 16.39 -11.79
C ASN E 207 -18.04 17.53 -12.53
N GLY E 208 -18.77 18.30 -13.33
CA GLY E 208 -18.19 19.41 -14.06
C GLY E 208 -17.61 19.06 -15.41
N ASN E 209 -17.74 17.82 -15.85
CA ASN E 209 -17.19 17.37 -17.12
C ASN E 209 -18.32 17.31 -18.16
N THR E 210 -18.15 18.02 -19.27
CA THR E 210 -19.08 17.98 -20.39
C THR E 210 -18.47 17.06 -21.45
N TYR E 211 -19.09 15.89 -21.64
CA TYR E 211 -18.50 14.83 -22.45
C TYR E 211 -18.90 15.04 -23.91
N LEU E 212 -18.11 15.88 -24.59
CA LEU E 212 -18.28 16.15 -26.02
C LEU E 212 -16.96 15.91 -26.71
N TYR E 213 -16.99 15.20 -27.84
CA TYR E 213 -15.78 14.84 -28.58
C TYR E 213 -15.88 15.33 -30.01
N TRP E 214 -14.77 15.84 -30.54
CA TRP E 214 -14.69 16.35 -31.90
C TRP E 214 -13.73 15.50 -32.71
N PHE E 215 -14.13 15.14 -33.93
CA PHE E 215 -13.31 14.33 -34.83
C PHE E 215 -13.26 14.96 -36.21
N LEU E 216 -12.16 14.70 -36.91
CA LEU E 216 -11.96 15.13 -38.29
C LEU E 216 -11.67 13.91 -39.14
N GLN E 217 -12.45 13.71 -40.20
CA GLN E 217 -12.25 12.64 -41.16
C GLN E 217 -11.76 13.25 -42.46
N ARG E 218 -10.47 13.08 -42.75
CA ARG E 218 -9.90 13.58 -43.99
C ARG E 218 -10.33 12.68 -45.15
N PRO E 219 -10.39 13.22 -46.37
CA PRO E 219 -10.78 12.41 -47.53
C PRO E 219 -9.83 11.24 -47.73
N GLY E 220 -10.36 10.03 -47.60
CA GLY E 220 -9.57 8.82 -47.74
C GLY E 220 -8.83 8.38 -46.49
N GLN E 221 -9.03 9.05 -45.36
CA GLN E 221 -8.34 8.72 -44.12
C GLN E 221 -9.35 8.51 -43.00
N SER E 222 -8.93 7.76 -41.98
CA SER E 222 -9.76 7.48 -40.84
C SER E 222 -9.96 8.75 -39.99
N PRO E 223 -11.05 8.83 -39.25
CA PRO E 223 -11.27 9.99 -38.38
C PRO E 223 -10.19 10.11 -37.32
N GLN E 224 -9.86 11.36 -36.97
CA GLN E 224 -8.84 11.66 -35.98
C GLN E 224 -9.44 12.54 -34.89
N LEU E 225 -9.12 12.22 -33.64
CA LEU E 225 -9.61 12.99 -32.51
C LEU E 225 -8.95 14.36 -32.46
N LEU E 226 -9.75 15.41 -32.26
CA LEU E 226 -9.26 16.77 -32.10
C LEU E 226 -9.52 17.33 -30.71
N ILE E 227 -10.77 17.29 -30.25
CA ILE E 227 -11.16 17.83 -28.96
C ILE E 227 -11.89 16.75 -28.19
N TYR E 228 -11.50 16.55 -26.93
CA TYR E 228 -12.21 15.68 -26.01
C TYR E 228 -12.59 16.47 -24.76
N ARG E 229 -13.81 16.21 -24.27
CA ARG E 229 -14.41 16.96 -23.16
C ARG E 229 -14.59 18.44 -23.50
N MET E 230 -14.73 18.73 -24.80
CA MET E 230 -15.16 20.03 -25.30
C MET E 230 -14.11 21.12 -25.11
N SER E 231 -13.09 20.86 -24.31
CA SER E 231 -12.10 21.88 -23.96
C SER E 231 -10.66 21.47 -24.13
N ASN E 232 -10.36 20.18 -24.24
CA ASN E 232 -8.97 19.71 -24.26
C ASN E 232 -8.52 19.41 -25.69
N LEU E 233 -7.30 19.81 -26.01
CA LEU E 233 -6.69 19.52 -27.29
C LEU E 233 -6.01 18.16 -27.26
N ALA E 234 -6.31 17.33 -28.25
CA ALA E 234 -5.67 16.02 -28.35
C ALA E 234 -4.21 16.18 -28.76
N SER E 235 -3.44 15.11 -28.51
CA SER E 235 -2.02 15.12 -28.87
C SER E 235 -1.85 15.14 -30.38
N GLY E 236 -0.88 15.92 -30.84
CA GLY E 236 -0.60 16.02 -32.26
C GLY E 236 -1.53 16.91 -33.05
N VAL E 237 -2.37 17.68 -32.39
CA VAL E 237 -3.32 18.59 -33.04
C VAL E 237 -2.83 20.01 -32.86
N PRO E 238 -2.77 20.81 -33.93
CA PRO E 238 -2.30 22.19 -33.80
C PRO E 238 -3.25 23.03 -32.95
N ASP E 239 -2.68 24.08 -32.35
CA ASP E 239 -3.44 24.97 -31.47
C ASP E 239 -4.47 25.81 -32.20
N ARG E 240 -4.57 25.70 -33.53
CA ARG E 240 -5.59 26.43 -34.26
C ARG E 240 -6.99 26.01 -33.83
N PHE E 241 -7.20 24.72 -33.62
CA PHE E 241 -8.51 24.23 -33.20
C PHE E 241 -8.79 24.63 -31.76
N SER E 242 -10.05 24.97 -31.49
CA SER E 242 -10.49 25.33 -30.15
C SER E 242 -11.91 24.85 -29.94
N GLY E 243 -12.24 24.56 -28.69
CA GLY E 243 -13.56 24.05 -28.36
C GLY E 243 -14.26 24.82 -27.26
N SER E 244 -15.51 25.20 -27.49
CA SER E 244 -16.29 25.94 -26.52
C SER E 244 -17.73 25.45 -26.54
N GLY E 245 -18.42 25.63 -25.42
CA GLY E 245 -19.80 25.22 -25.33
C GLY E 245 -20.31 25.39 -23.92
N SER E 246 -21.63 25.21 -23.77
CA SER E 246 -22.27 25.32 -22.46
C SER E 246 -23.53 24.47 -22.47
N GLY E 247 -23.46 23.28 -21.89
CA GLY E 247 -24.63 22.45 -21.69
C GLY E 247 -25.09 21.69 -22.92
N THR E 248 -25.72 22.38 -23.87
CA THR E 248 -26.30 21.76 -25.05
C THR E 248 -25.77 22.31 -26.36
N ALA E 249 -25.31 23.55 -26.40
CA ALA E 249 -24.77 24.17 -27.61
C ALA E 249 -23.26 24.21 -27.52
N PHE E 250 -22.60 23.71 -28.57
CA PHE E 250 -21.14 23.62 -28.60
C PHE E 250 -20.62 24.19 -29.91
N THR E 251 -19.41 24.75 -29.85
CA THR E 251 -18.79 25.39 -31.00
C THR E 251 -17.33 24.98 -31.09
N LEU E 252 -16.89 24.63 -32.29
CA LEU E 252 -15.50 24.31 -32.56
C LEU E 252 -14.96 25.36 -33.54
N THR E 253 -13.88 26.03 -33.15
CA THR E 253 -13.34 27.15 -33.90
C THR E 253 -11.94 26.82 -34.40
N ILE E 254 -11.70 27.05 -35.69
CA ILE E 254 -10.38 26.94 -36.28
C ILE E 254 -9.88 28.35 -36.55
N SER E 255 -8.79 28.74 -35.90
CA SER E 255 -8.31 30.11 -36.02
C SER E 255 -7.70 30.36 -37.39
N ARG E 256 -6.66 29.62 -37.74
CA ARG E 256 -5.99 29.75 -39.03
C ARG E 256 -6.25 28.50 -39.87
N LEU E 257 -6.78 28.69 -41.07
CA LEU E 257 -7.12 27.58 -41.93
C LEU E 257 -5.90 27.11 -42.72
N GLU E 258 -5.89 25.81 -43.03
CA GLU E 258 -4.84 25.20 -43.82
C GLU E 258 -5.47 24.22 -44.81
N ALA E 259 -4.71 23.89 -45.86
CA ALA E 259 -5.20 22.95 -46.85
C ALA E 259 -5.36 21.54 -46.30
N GLU E 260 -4.75 21.24 -45.16
CA GLU E 260 -4.86 19.93 -44.54
C GLU E 260 -6.08 19.81 -43.63
N ASP E 261 -6.87 20.87 -43.49
CA ASP E 261 -8.07 20.85 -42.66
C ASP E 261 -9.32 20.45 -43.43
N VAL E 262 -9.17 20.06 -44.71
CA VAL E 262 -10.32 19.66 -45.50
C VAL E 262 -10.83 18.31 -45.02
N GLY E 263 -12.12 18.23 -44.74
CA GLY E 263 -12.71 16.98 -44.31
C GLY E 263 -14.08 17.21 -43.73
N VAL E 264 -14.62 16.15 -43.12
CA VAL E 264 -15.92 16.16 -42.47
C VAL E 264 -15.69 16.10 -40.97
N TYR E 265 -16.33 17.02 -40.24
CA TYR E 265 -16.14 17.14 -38.80
C TYR E 265 -17.32 16.49 -38.09
N TYR E 266 -17.01 15.60 -37.15
CA TYR E 266 -18.02 14.84 -36.43
C TYR E 266 -17.95 15.13 -34.95
N CYS E 267 -19.12 15.18 -34.31
CA CYS E 267 -19.24 15.36 -32.87
C CYS E 267 -20.00 14.17 -32.27
N MET E 268 -19.44 13.61 -31.21
CA MET E 268 -20.07 12.50 -30.52
C MET E 268 -20.04 12.75 -29.03
N GLN E 269 -21.13 12.42 -28.35
CA GLN E 269 -21.21 12.51 -26.91
C GLN E 269 -20.77 11.21 -26.26
N HIS E 270 -20.04 11.33 -25.15
CA HIS E 270 -19.69 10.16 -24.34
C HIS E 270 -20.46 10.16 -23.03
N LEU E 271 -21.53 10.94 -22.93
CA LEU E 271 -22.32 10.97 -21.71
C LEU E 271 -23.03 9.65 -21.47
N GLU E 272 -23.68 9.08 -22.49
CA GLU E 272 -24.35 7.81 -22.30
C GLU E 272 -24.25 6.94 -23.54
N TYR E 273 -23.16 6.17 -23.65
CA TYR E 273 -22.90 4.78 -24.08
C TYR E 273 -23.03 4.11 -25.46
N PRO E 274 -24.22 3.90 -26.08
CA PRO E 274 -25.19 4.88 -26.60
C PRO E 274 -24.62 6.23 -27.06
N LEU E 275 -23.38 6.16 -27.55
CA LEU E 275 -22.73 7.31 -28.15
C LEU E 275 -23.31 7.58 -29.53
N THR E 276 -23.68 8.83 -29.80
CA THR E 276 -24.30 9.21 -31.05
C THR E 276 -23.47 10.29 -31.74
N PHE E 277 -23.22 10.09 -33.03
CA PHE E 277 -22.45 11.01 -33.84
C PHE E 277 -23.38 11.98 -34.57
N GLY E 278 -22.88 13.19 -34.82
CA GLY E 278 -23.62 14.16 -35.58
C GLY E 278 -23.65 13.83 -37.06
N ALA E 279 -24.44 14.62 -37.80
CA ALA E 279 -24.53 14.42 -39.24
C ALA E 279 -23.19 14.67 -39.92
N GLY E 280 -22.45 15.67 -39.46
CA GLY E 280 -21.15 15.98 -40.02
C GLY E 280 -21.17 17.22 -40.89
N THR E 281 -20.14 18.06 -40.73
CA THR E 281 -19.97 19.27 -41.50
C THR E 281 -18.75 19.13 -42.40
N LYS E 282 -18.94 19.30 -43.70
CA LYS E 282 -17.88 19.12 -44.68
C LYS E 282 -17.26 20.47 -45.01
N LEU E 283 -15.93 20.54 -44.92
CA LEU E 283 -15.18 21.74 -45.26
C LEU E 283 -14.52 21.55 -46.62
N GLU E 284 -14.85 22.43 -47.56
CA GLU E 284 -14.29 22.38 -48.91
C GLU E 284 -13.69 23.72 -49.28
N LEU E 285 -12.55 23.68 -49.96
CA LEU E 285 -11.91 24.90 -50.44
C LEU E 285 -12.68 25.50 -51.60
N LYS E 286 -12.76 26.83 -51.62
CA LYS E 286 -13.43 27.52 -52.71
C LYS E 286 -12.64 27.40 -54.01
N ALA E 287 -13.37 27.35 -55.12
CA ALA E 287 -12.75 27.22 -56.43
C ALA E 287 -12.02 28.51 -56.82
#